data_6PZC
#
_entry.id   6PZC
#
_cell.length_a   1.00
_cell.length_b   1.00
_cell.length_c   1.00
_cell.angle_alpha   90.00
_cell.angle_beta   90.00
_cell.angle_gamma   90.00
#
_symmetry.space_group_name_H-M   'P 1'
#
_entity_poly.entity_id   1
_entity_poly.type   'polypeptide(L)'
_entity_poly.pdbx_seq_one_letter_code
;MPLAFCGTENHSAAYRVDQGVLNNGCFVDALNVVPHVFLLFITFPILFIGWGSQSSKVHIHHSTWLHFPGHNLRWILTFI
LLFVLVCEIAEGILSDGVTESRHLHLYMPAGMAFMAAITSVVYYHNIETSNFPKLLIALLIYWTLAFITKTIKFVKFYDH
AIGFSQLRFCLTGLLVILYGMLLLVEVNVIRVRRYIFFKTPREVKPPEDLQDLGVRFLQPFVNLLSKGTYWWMNAFIKTA
HKKPIDLRAIAKLPIAMRALTNYQRLCVAFDAQARKDTQSPQGARAIWRALCHAFGRRLILSSTFRILADLLGFAGPLCI
FGIVDHLGKENHVFQPKTQFLGVYFVSSQEFLGNAYVLAVLLFLALLLQRTFLQASYYVAIETGINLRGAIQTKIYNKIM
HMSTSNLSMGEMTAGQICNLVAIDTNQLMWFFFLCPNLWTMPVQIIVGVILLYYILGVSALIGAAVIILLAPVQYFVATK
LSQAQRTTLEHSNERLKQTNEMLRGMKLLKLYAWESIFCSRVEVTRRKEMTSLRAFAVYTSISIFMNTAIPIAAVLITFV
GHVSFFKESDLSPSVAFASLSLFHILVTPLFLLSSVVRSTVKALVSVQKLSEFLSSAEIREEQCAPREPAPQGQAGKYQA
VPLKVVNRKRPAREEVRDLLGPLQRLAPSMDGDADNFCVQIIGGFFTWTPDGIPTLSNITIRIPRGQLTMIVGQVGCGKS
SLLLATLGEMQKVSGAVFWNSNLPDSEGEDPSSPERETAAGSDIRSRGPVAYASQKPWLLNATVEENITFESPFNKQRYK
MVIEACSLQPDIDILPHGDQTQIGERGINLSGGQRQRISVARALYQQTNVVFLDDPFSALDVHLSDHLMQAGILELLRDD
KRTVVLVTHKLQYLPHADWIIAMKDGTIQREGTLKDFQRSECQLFEHWKTLMNRQDQELEKETVMERKASEPSQGLPRAM
SSRDGLLLDEEEEEEEAAESEEDDNLSSVLHQRAKIPWRACTKYLSSAGILLLSLLVFSQLLKHMVLVAIDYWLAKWTDS
ALVLSPAARNCSLSQECDLDQSVYAMVFTLLCSLGIVLCLVTSVTVEWTGLKVAKRLHRSLLNRIILAPMRFFETTPLGS
ILNRFSSDCNTIDQHIPSTLECLSRSTLLCVSALTVISYVTPVFLVALLPLAVVCYFIQKYFRVASRDLQQLDDTTQLPL
VSHFAETVEGLTTIRAFRYEARFQQKLLEYTDSNNIASLFLTAANRWLEVCMEYIGACVVLIAAATSISNSLHRELSAGL
VGLGLTYALMVSNYLNWMVRNLADMEIQLGAVKRIHALLKTEAESYEGLLAPSLIPKNWPDQGKIQIQNLSVRYDSSLKP
VLKHVNTLISPGQKIGICGRTGSGKSSFSLAFFRMVDMFEGRIIIDGIDIAKLPLHTLRSRLSIILQDPVLFSGTIRFNL
DPEKKCSDSTLWEALEIAQLKLVVKALPGGLDAIITEGGENFSQGQRQLFCLARAFVRKTSIFIMDEATASIDMATENIL
QKVVMTAFADRTVVTIAHRVHTILSADLVMVLKRGAILEFDKPETLLSQKDSVFASFVRADK
;
_entity_poly.pdbx_strand_id   H
#
# COMPACT_ATOMS: atom_id res chain seq x y z
N VAL A 222 -21.88 29.73 -8.13
CA VAL A 222 -20.46 29.68 -8.34
C VAL A 222 -20.18 30.74 -9.43
N ASN A 223 -19.32 31.72 -9.17
CA ASN A 223 -19.28 32.95 -9.97
C ASN A 223 -18.16 32.96 -11.00
N LEU A 224 -18.45 33.48 -12.19
CA LEU A 224 -17.85 32.96 -13.42
C LEU A 224 -16.39 33.34 -13.60
N LEU A 225 -16.03 34.61 -13.41
CA LEU A 225 -14.62 34.93 -13.58
C LEU A 225 -13.80 34.34 -12.45
N SER A 226 -14.42 34.21 -11.29
CA SER A 226 -13.80 33.45 -10.25
C SER A 226 -13.77 31.98 -10.62
N LYS A 227 -14.77 31.51 -11.41
CA LYS A 227 -14.69 30.14 -11.90
C LYS A 227 -13.54 30.00 -12.87
N GLY A 228 -13.13 31.11 -13.48
CA GLY A 228 -11.84 31.19 -14.10
C GLY A 228 -10.72 30.94 -13.11
N THR A 229 -10.53 31.84 -12.14
CA THR A 229 -9.32 31.75 -11.32
C THR A 229 -9.59 31.59 -9.85
N TYR A 230 -10.58 30.75 -9.51
CA TYR A 230 -10.48 29.87 -8.35
C TYR A 230 -10.50 30.67 -7.06
N TRP A 231 -11.28 31.74 -7.07
CA TRP A 231 -11.18 32.74 -6.03
C TRP A 231 -11.75 32.23 -4.73
N TRP A 232 -12.66 31.26 -4.82
CA TRP A 232 -13.25 30.61 -3.67
C TRP A 232 -12.22 29.81 -2.90
N MET A 233 -11.11 29.46 -3.54
CA MET A 233 -10.07 28.74 -2.84
C MET A 233 -9.30 29.63 -1.89
N ASN A 234 -9.36 30.96 -2.12
CA ASN A 234 -8.59 31.91 -1.32
C ASN A 234 -8.95 31.81 0.14
N ALA A 235 -10.25 31.92 0.43
CA ALA A 235 -10.69 31.86 1.81
C ALA A 235 -10.54 30.47 2.35
N PHE A 236 -10.49 29.46 1.48
CA PHE A 236 -10.24 28.13 1.96
C PHE A 236 -8.81 28.02 2.47
N ILE A 237 -7.88 28.57 1.70
CA ILE A 237 -6.49 28.37 2.11
C ILE A 237 -6.12 29.39 3.15
N LYS A 238 -6.78 30.55 3.12
CA LYS A 238 -6.56 31.50 4.17
C LYS A 238 -7.11 30.94 5.47
N THR A 239 -8.14 30.10 5.38
CA THR A 239 -8.50 29.26 6.51
C THR A 239 -7.37 28.31 6.86
N ALA A 240 -6.78 27.69 5.86
CA ALA A 240 -5.93 26.54 6.10
C ALA A 240 -4.61 26.90 6.74
N HIS A 241 -4.18 28.15 6.65
CA HIS A 241 -2.99 28.55 7.38
C HIS A 241 -3.24 28.52 8.89
N LYS A 242 -4.44 28.86 9.33
CA LYS A 242 -4.71 28.89 10.76
C LYS A 242 -4.98 27.48 11.29
N LYS A 243 -6.01 26.91 10.85
CA LYS A 243 -6.39 25.64 11.42
C LYS A 243 -5.89 24.51 10.55
N PRO A 244 -5.60 23.34 11.12
CA PRO A 244 -5.40 22.16 10.29
C PRO A 244 -6.73 21.72 9.72
N ILE A 245 -6.66 20.88 8.70
CA ILE A 245 -7.80 20.62 7.84
C ILE A 245 -8.30 19.21 8.05
N ASP A 246 -9.61 19.07 8.20
CA ASP A 246 -10.27 17.80 8.40
C ASP A 246 -11.24 17.55 7.25
N LEU A 247 -11.88 16.39 7.31
CA LEU A 247 -12.97 16.11 6.40
C LEU A 247 -14.15 17.03 6.68
N ARG A 248 -14.29 17.48 7.93
CA ARG A 248 -15.26 18.52 8.25
C ARG A 248 -14.88 19.84 7.62
N ALA A 249 -13.59 20.13 7.52
CA ALA A 249 -13.16 21.32 6.80
C ALA A 249 -13.36 21.13 5.30
N ILE A 250 -13.27 19.89 4.83
CA ILE A 250 -13.70 19.57 3.48
C ILE A 250 -15.22 19.64 3.47
N ALA A 251 -15.84 19.64 2.30
CA ALA A 251 -17.24 19.99 2.24
C ALA A 251 -18.12 18.82 1.79
N LYS A 252 -19.41 19.11 1.77
CA LYS A 252 -20.43 18.40 1.01
C LYS A 252 -20.03 18.21 -0.44
N LEU A 253 -20.55 17.17 -1.06
CA LEU A 253 -20.38 17.16 -2.50
C LEU A 253 -21.36 18.10 -3.18
N PRO A 254 -20.93 18.78 -4.23
CA PRO A 254 -21.86 19.53 -5.06
C PRO A 254 -22.79 18.60 -5.79
N ILE A 255 -23.90 19.18 -6.25
CA ILE A 255 -25.10 18.44 -6.64
C ILE A 255 -24.79 17.45 -7.74
N ALA A 256 -24.05 17.88 -8.75
CA ALA A 256 -23.68 16.97 -9.83
C ALA A 256 -22.56 16.05 -9.40
N MET A 257 -21.71 16.51 -8.49
CA MET A 257 -20.52 15.76 -8.15
C MET A 257 -20.83 14.59 -7.26
N ARG A 258 -22.01 14.58 -6.67
CA ARG A 258 -22.56 13.41 -6.01
C ARG A 258 -22.59 12.24 -6.99
N ALA A 259 -22.05 11.11 -6.55
CA ALA A 259 -21.63 10.08 -7.48
C ALA A 259 -22.80 9.32 -8.07
N LEU A 260 -23.87 9.15 -7.32
CA LEU A 260 -25.01 8.37 -7.80
C LEU A 260 -25.71 9.05 -8.96
N THR A 261 -25.69 10.37 -8.99
CA THR A 261 -26.13 11.10 -10.19
C THR A 261 -25.28 10.76 -11.40
N ASN A 262 -23.96 10.72 -11.20
CA ASN A 262 -23.07 10.38 -12.29
C ASN A 262 -23.25 8.93 -12.72
N TYR A 263 -23.52 8.05 -11.76
CA TYR A 263 -23.91 6.68 -12.06
C TYR A 263 -25.21 6.64 -12.82
N GLN A 264 -26.12 7.55 -12.47
CA GLN A 264 -27.46 7.57 -13.02
C GLN A 264 -27.39 7.85 -14.50
N ARG A 265 -26.57 8.82 -14.88
CA ARG A 265 -26.52 9.17 -16.30
C ARG A 265 -25.88 8.05 -17.10
N LEU A 266 -24.93 7.36 -16.50
CA LEU A 266 -24.21 6.36 -17.27
C LEU A 266 -25.07 5.12 -17.46
N CYS A 267 -25.98 4.86 -16.52
CA CYS A 267 -26.88 3.73 -16.75
C CYS A 267 -27.86 4.07 -17.86
N VAL A 268 -28.22 5.35 -17.98
CA VAL A 268 -29.05 5.80 -19.08
C VAL A 268 -28.29 5.61 -20.37
N ALA A 269 -26.96 5.75 -20.32
CA ALA A 269 -26.19 5.58 -21.55
C ALA A 269 -26.18 4.12 -21.98
N PHE A 270 -26.23 3.21 -21.01
CA PHE A 270 -26.49 1.81 -21.36
C PHE A 270 -27.86 1.64 -21.96
N ASP A 271 -28.86 2.32 -21.42
CA ASP A 271 -30.19 2.16 -21.93
C ASP A 271 -30.34 2.79 -23.30
N ALA A 272 -29.55 3.83 -23.56
CA ALA A 272 -29.47 4.44 -24.88
C ALA A 272 -28.91 3.45 -25.89
N GLN A 273 -27.94 2.65 -25.50
CA GLN A 273 -27.40 1.73 -26.47
C GLN A 273 -28.03 0.34 -26.34
N ALA A 274 -29.00 0.21 -25.42
CA ALA A 274 -29.95 -0.88 -25.50
C ALA A 274 -30.86 -0.74 -26.71
N ARG A 275 -30.98 0.47 -27.26
CA ARG A 275 -31.68 0.67 -28.52
C ARG A 275 -30.89 0.10 -29.69
N LYS A 276 -29.56 0.07 -29.60
CA LYS A 276 -28.77 -0.52 -30.67
C LYS A 276 -28.85 -2.04 -30.62
N ASP A 277 -28.31 -2.63 -29.55
CA ASP A 277 -28.56 -4.01 -29.15
C ASP A 277 -28.15 -5.04 -30.21
N THR A 278 -27.04 -4.79 -30.89
CA THR A 278 -26.51 -5.76 -31.83
C THR A 278 -26.04 -7.00 -31.07
N GLN A 279 -25.01 -6.84 -30.24
CA GLN A 279 -24.60 -7.86 -29.28
C GLN A 279 -24.29 -7.11 -27.99
N SER A 280 -25.30 -6.98 -27.14
CA SER A 280 -25.14 -6.06 -26.02
C SER A 280 -24.85 -6.84 -24.76
N PRO A 281 -23.60 -7.25 -24.58
CA PRO A 281 -23.19 -7.83 -23.29
C PRO A 281 -23.13 -6.91 -22.07
N GLN A 282 -22.58 -5.68 -22.05
CA GLN A 282 -22.31 -4.71 -23.14
C GLN A 282 -21.19 -5.06 -24.11
N GLY A 283 -19.97 -5.13 -23.61
CA GLY A 283 -18.82 -5.27 -24.46
C GLY A 283 -18.14 -3.94 -24.72
N ALA A 284 -16.89 -4.03 -25.18
CA ALA A 284 -16.02 -2.86 -25.23
C ALA A 284 -16.46 -1.89 -26.31
N ARG A 285 -16.90 -2.42 -27.45
CA ARG A 285 -17.47 -1.56 -28.50
C ARG A 285 -18.74 -0.91 -28.01
N ALA A 286 -19.47 -1.58 -27.12
CA ALA A 286 -20.65 -0.94 -26.55
C ALA A 286 -20.26 0.06 -25.48
N ILE A 287 -19.16 -0.20 -24.79
CA ILE A 287 -18.75 0.68 -23.70
C ILE A 287 -18.29 2.01 -24.25
N TRP A 288 -17.45 2.00 -25.29
CA TRP A 288 -16.92 3.29 -25.70
C TRP A 288 -17.92 4.11 -26.48
N ARG A 289 -18.91 3.45 -27.09
CA ARG A 289 -20.06 4.16 -27.64
C ARG A 289 -20.91 4.72 -26.53
N ALA A 290 -20.86 4.10 -25.35
CA ALA A 290 -21.63 4.67 -24.27
C ALA A 290 -20.87 5.87 -23.71
N LEU A 291 -19.59 5.70 -23.46
CA LEU A 291 -18.83 6.63 -22.64
C LEU A 291 -18.59 7.94 -23.37
N CYS A 292 -18.46 7.88 -24.71
CA CYS A 292 -18.36 9.11 -25.48
C CYS A 292 -19.62 9.94 -25.36
N HIS A 293 -20.78 9.30 -25.46
CA HIS A 293 -21.99 10.10 -25.30
C HIS A 293 -22.33 10.29 -23.82
N ALA A 294 -21.57 9.67 -22.95
CA ALA A 294 -21.72 9.94 -21.54
C ALA A 294 -21.12 11.29 -21.21
N PHE A 295 -19.82 11.42 -21.39
CA PHE A 295 -19.11 12.57 -20.83
C PHE A 295 -18.59 13.55 -21.87
N GLY A 296 -18.83 13.29 -23.15
CA GLY A 296 -18.01 13.90 -24.17
C GLY A 296 -18.23 15.38 -24.33
N ARG A 297 -19.42 15.88 -24.00
CA ARG A 297 -19.71 17.31 -24.20
C ARG A 297 -18.80 18.18 -23.35
N ARG A 298 -18.67 17.81 -22.08
CA ARG A 298 -17.79 18.54 -21.20
C ARG A 298 -16.34 18.28 -21.58
N LEU A 299 -16.07 17.07 -22.08
CA LEU A 299 -14.73 16.81 -22.61
C LEU A 299 -14.41 17.70 -23.80
N ILE A 300 -15.42 17.97 -24.64
CA ILE A 300 -15.26 18.87 -25.78
C ILE A 300 -14.91 20.26 -25.31
N LEU A 301 -15.55 20.70 -24.24
CA LEU A 301 -15.26 22.04 -23.73
C LEU A 301 -13.83 22.15 -23.23
N SER A 302 -13.35 21.09 -22.59
CA SER A 302 -11.96 21.06 -22.18
C SER A 302 -11.03 21.04 -23.38
N SER A 303 -11.45 20.36 -24.44
CA SER A 303 -10.61 20.26 -25.63
C SER A 303 -10.52 21.60 -26.33
N THR A 304 -11.64 22.33 -26.31
CA THR A 304 -11.72 23.58 -27.04
C THR A 304 -10.82 24.60 -26.39
N PHE A 305 -10.83 24.64 -25.05
CA PHE A 305 -9.92 25.55 -24.38
C PHE A 305 -8.48 25.11 -24.60
N ARG A 306 -8.22 23.81 -24.67
CA ARG A 306 -6.85 23.35 -24.89
C ARG A 306 -6.32 23.80 -26.24
N ILE A 307 -7.18 23.76 -27.25
CA ILE A 307 -6.82 24.22 -28.59
C ILE A 307 -6.50 25.70 -28.56
N LEU A 308 -7.44 26.50 -28.06
CA LEU A 308 -7.32 27.93 -28.21
C LEU A 308 -6.15 28.46 -27.38
N ALA A 309 -5.90 27.82 -26.25
CA ALA A 309 -4.73 28.15 -25.46
C ALA A 309 -3.45 27.80 -26.19
N ASP A 310 -3.36 26.63 -26.81
CA ASP A 310 -2.12 26.30 -27.50
C ASP A 310 -1.88 27.18 -28.72
N LEU A 311 -2.97 27.60 -29.38
CA LEU A 311 -2.85 28.56 -30.46
C LEU A 311 -2.31 29.89 -29.98
N LEU A 312 -2.78 30.35 -28.83
CA LEU A 312 -2.13 31.55 -28.34
C LEU A 312 -0.78 31.25 -27.69
N GLY A 313 -0.49 29.98 -27.44
CA GLY A 313 0.85 29.56 -27.08
C GLY A 313 1.83 29.84 -28.20
N PHE A 314 1.34 29.81 -29.42
CA PHE A 314 2.22 30.05 -30.55
C PHE A 314 2.42 31.53 -30.81
N ALA A 315 1.55 32.37 -30.25
CA ALA A 315 1.51 33.79 -30.60
C ALA A 315 2.62 34.58 -29.93
N GLY A 316 2.93 34.26 -28.67
CA GLY A 316 4.09 34.78 -27.96
C GLY A 316 5.42 34.79 -28.70
N PRO A 317 5.77 33.68 -29.33
CA PRO A 317 6.93 33.70 -30.24
C PRO A 317 6.84 34.70 -31.37
N LEU A 318 5.65 34.91 -31.93
CA LEU A 318 5.51 35.94 -32.95
C LEU A 318 5.78 37.31 -32.34
N CYS A 319 5.37 37.49 -31.09
CA CYS A 319 5.56 38.77 -30.42
C CYS A 319 7.02 39.06 -30.22
N ILE A 320 7.78 38.02 -29.89
CA ILE A 320 9.23 38.13 -29.77
C ILE A 320 9.85 38.52 -31.09
N PHE A 321 9.37 37.89 -32.17
CA PHE A 321 9.92 38.18 -33.48
C PHE A 321 9.62 39.60 -33.91
N GLY A 322 8.42 40.08 -33.54
CA GLY A 322 7.99 41.39 -33.95
C GLY A 322 8.71 42.49 -33.21
N ILE A 323 9.15 42.21 -31.98
CA ILE A 323 9.83 43.24 -31.21
C ILE A 323 11.18 43.51 -31.82
N VAL A 324 11.98 42.46 -31.95
CA VAL A 324 13.37 42.65 -32.29
C VAL A 324 13.49 43.08 -33.74
N ASP A 325 12.60 42.54 -34.59
CA ASP A 325 12.51 43.01 -35.97
C ASP A 325 12.16 44.49 -36.04
N HIS A 326 11.26 44.96 -35.19
CA HIS A 326 10.98 46.38 -35.25
C HIS A 326 12.12 47.18 -34.64
N LEU A 327 12.90 46.55 -33.78
CA LEU A 327 13.91 47.28 -33.04
C LEU A 327 15.30 47.05 -33.58
N GLY A 328 15.41 46.61 -34.81
CA GLY A 328 16.68 46.79 -35.48
C GLY A 328 16.82 48.13 -36.15
N LYS A 329 15.78 48.96 -36.07
CA LYS A 329 15.67 50.18 -36.84
C LYS A 329 16.32 51.36 -36.12
N GLU A 330 16.25 52.53 -36.76
CA GLU A 330 16.75 53.77 -36.18
C GLU A 330 15.63 54.79 -36.08
N VAL A 346 -5.38 55.75 -39.64
CA VAL A 346 -4.39 54.91 -38.99
C VAL A 346 -4.34 53.54 -39.64
N SER A 347 -3.13 52.99 -39.73
CA SER A 347 -2.91 51.72 -40.40
C SER A 347 -2.81 50.59 -39.40
N SER A 348 -3.33 49.42 -39.79
CA SER A 348 -3.10 48.23 -38.98
C SER A 348 -1.65 47.83 -39.01
N GLN A 349 -0.98 48.05 -40.15
CA GLN A 349 0.46 47.92 -40.21
C GLN A 349 1.13 48.89 -39.25
N GLU A 350 0.61 50.12 -39.17
CA GLU A 350 1.05 51.03 -38.13
C GLU A 350 0.60 50.55 -36.75
N PHE A 351 -0.58 49.93 -36.67
CA PHE A 351 -1.02 49.36 -35.40
C PHE A 351 -0.18 48.15 -35.04
N LEU A 352 0.49 47.56 -36.02
CA LEU A 352 1.51 46.57 -35.76
C LEU A 352 2.88 47.20 -35.56
N GLY A 353 2.94 48.52 -35.35
CA GLY A 353 4.23 49.16 -35.23
C GLY A 353 4.95 48.92 -33.93
N ASN A 354 4.41 49.44 -32.83
CA ASN A 354 5.23 49.77 -31.66
C ASN A 354 5.46 48.55 -30.78
N ALA A 355 6.69 48.39 -30.31
CA ALA A 355 6.99 47.38 -29.31
C ALA A 355 6.25 47.63 -28.01
N TYR A 356 5.95 48.91 -27.71
CA TYR A 356 4.90 49.24 -26.74
C TYR A 356 3.65 48.43 -27.03
N VAL A 357 3.15 48.56 -28.26
CA VAL A 357 1.85 48.00 -28.61
C VAL A 357 1.93 46.49 -28.57
N LEU A 358 2.96 45.94 -29.20
CA LEU A 358 2.98 44.51 -29.39
C LEU A 358 3.31 43.83 -28.09
N ALA A 359 4.07 44.49 -27.23
CA ALA A 359 4.36 43.91 -25.92
C ALA A 359 3.14 43.91 -25.03
N VAL A 360 2.33 44.95 -25.09
CA VAL A 360 1.08 44.93 -24.34
C VAL A 360 0.13 43.88 -24.88
N LEU A 361 0.03 43.79 -26.19
CA LEU A 361 -0.70 42.70 -26.82
C LEU A 361 -0.18 41.33 -26.42
N LEU A 362 1.14 41.19 -26.31
CA LEU A 362 1.76 39.99 -25.77
C LEU A 362 1.26 39.69 -24.38
N PHE A 363 1.30 40.68 -23.50
CA PHE A 363 0.91 40.48 -22.12
C PHE A 363 -0.53 40.05 -22.03
N LEU A 364 -1.40 40.81 -22.65
CA LEU A 364 -2.82 40.57 -22.55
C LEU A 364 -3.25 39.30 -23.26
N ALA A 365 -2.49 38.88 -24.27
CA ALA A 365 -2.69 37.54 -24.78
C ALA A 365 -2.23 36.48 -23.79
N LEU A 366 -0.99 36.62 -23.30
CA LEU A 366 -0.43 35.60 -22.45
C LEU A 366 -1.10 35.49 -21.09
N LEU A 367 -1.98 36.41 -20.74
CA LEU A 367 -2.93 36.12 -19.68
C LEU A 367 -3.82 34.97 -20.09
N LEU A 368 -4.47 35.10 -21.25
CA LEU A 368 -5.45 34.10 -21.64
C LEU A 368 -4.77 32.77 -21.88
N GLN A 369 -3.60 32.82 -22.52
CA GLN A 369 -2.85 31.61 -22.78
C GLN A 369 -2.45 30.91 -21.50
N ARG A 370 -2.00 31.66 -20.52
CA ARG A 370 -1.68 31.10 -19.23
C ARG A 370 -2.90 30.96 -18.33
N THR A 371 -4.09 31.19 -18.85
CA THR A 371 -5.31 30.96 -18.07
C THR A 371 -6.15 29.82 -18.59
N PHE A 372 -6.47 29.83 -19.89
CA PHE A 372 -7.35 28.80 -20.45
C PHE A 372 -6.69 27.43 -20.46
N LEU A 373 -5.36 27.38 -20.49
CA LEU A 373 -4.69 26.10 -20.28
C LEU A 373 -4.93 25.56 -18.88
N GLN A 374 -5.20 26.43 -17.92
CA GLN A 374 -5.60 25.98 -16.60
C GLN A 374 -7.10 25.96 -16.42
N ALA A 375 -7.82 26.36 -17.43
CA ALA A 375 -9.17 25.88 -17.52
C ALA A 375 -9.18 24.45 -18.03
N SER A 376 -8.45 24.20 -19.10
CA SER A 376 -8.58 22.93 -19.80
C SER A 376 -7.92 21.80 -19.04
N TYR A 377 -6.85 22.08 -18.30
CA TYR A 377 -6.40 21.11 -17.31
C TYR A 377 -7.49 20.81 -16.30
N TYR A 378 -8.19 21.86 -15.85
CA TYR A 378 -9.10 21.72 -14.72
C TYR A 378 -10.28 20.84 -15.08
N VAL A 379 -10.97 21.17 -16.16
CA VAL A 379 -12.26 20.56 -16.44
C VAL A 379 -12.06 19.09 -16.76
N ALA A 380 -10.96 18.80 -17.43
CA ALA A 380 -10.60 17.41 -17.65
C ALA A 380 -10.32 16.69 -16.35
N ILE A 381 -9.73 17.36 -15.34
CA ILE A 381 -9.62 16.61 -14.10
C ILE A 381 -10.98 16.48 -13.44
N GLU A 382 -11.81 17.51 -13.60
CA GLU A 382 -13.20 17.38 -13.16
C GLU A 382 -14.01 16.70 -14.25
N THR A 383 -13.50 15.71 -14.75
CA THR A 383 -14.20 14.78 -15.58
C THR A 383 -13.85 13.40 -15.10
N GLY A 384 -12.57 13.18 -14.80
CA GLY A 384 -12.13 11.86 -14.37
C GLY A 384 -12.53 11.61 -12.94
N ILE A 385 -12.67 12.68 -12.16
CA ILE A 385 -13.29 12.53 -10.86
C ILE A 385 -14.73 12.08 -11.02
N ASN A 386 -15.47 12.72 -11.90
CA ASN A 386 -16.81 12.25 -12.17
C ASN A 386 -16.85 10.89 -12.86
N LEU A 387 -15.76 10.44 -13.48
CA LEU A 387 -15.69 9.05 -13.90
C LEU A 387 -15.74 8.12 -12.71
N ARG A 388 -14.96 8.45 -11.67
CA ARG A 388 -14.40 7.42 -10.78
C ARG A 388 -15.48 6.57 -10.12
N GLY A 389 -16.30 7.21 -9.29
CA GLY A 389 -17.39 6.51 -8.65
C GLY A 389 -18.45 6.01 -9.62
N ALA A 390 -18.69 6.77 -10.68
CA ALA A 390 -19.67 6.33 -11.68
C ALA A 390 -19.22 5.10 -12.44
N ILE A 391 -17.94 4.79 -12.43
CA ILE A 391 -17.47 3.45 -12.75
C ILE A 391 -17.60 2.51 -11.57
N GLN A 392 -17.12 2.95 -10.40
CA GLN A 392 -16.98 2.07 -9.25
C GLN A 392 -18.30 1.54 -8.75
N THR A 393 -19.36 2.32 -8.94
CA THR A 393 -20.68 1.88 -8.57
C THR A 393 -21.16 0.74 -9.45
N LYS A 394 -21.01 0.89 -10.77
CA LYS A 394 -21.28 -0.21 -11.69
C LYS A 394 -20.51 -1.47 -11.37
N ILE A 395 -19.25 -1.32 -10.98
CA ILE A 395 -18.44 -2.43 -10.50
C ILE A 395 -19.06 -3.08 -9.28
N TYR A 396 -19.30 -2.26 -8.28
CA TYR A 396 -19.80 -2.69 -7.01
C TYR A 396 -21.18 -3.31 -7.14
N ASN A 397 -21.99 -2.78 -8.06
CA ASN A 397 -23.31 -3.33 -8.23
C ASN A 397 -23.24 -4.68 -8.93
N LYS A 398 -22.20 -4.86 -9.76
CA LYS A 398 -22.11 -6.17 -10.38
C LYS A 398 -21.62 -7.17 -9.33
N ILE A 399 -20.87 -6.67 -8.34
CA ILE A 399 -20.58 -7.50 -7.18
C ILE A 399 -21.86 -7.81 -6.43
N MET A 400 -22.83 -6.90 -6.48
CA MET A 400 -24.13 -7.18 -5.87
C MET A 400 -24.98 -8.11 -6.70
N HIS A 401 -24.50 -8.49 -7.87
CA HIS A 401 -25.17 -9.55 -8.61
C HIS A 401 -24.17 -10.63 -8.99
N MET A 402 -23.03 -10.64 -8.33
CA MET A 402 -22.00 -11.63 -8.59
C MET A 402 -22.44 -13.00 -8.15
N SER A 403 -22.04 -14.01 -8.90
CA SER A 403 -22.25 -15.40 -8.54
C SER A 403 -20.90 -16.05 -8.23
N THR A 404 -20.91 -16.99 -7.29
CA THR A 404 -19.70 -17.52 -6.66
C THR A 404 -19.70 -19.05 -6.71
N SER A 405 -19.18 -19.62 -7.78
CA SER A 405 -18.97 -21.07 -7.77
C SER A 405 -17.51 -21.46 -7.86
N ASN A 406 -16.82 -21.14 -8.95
CA ASN A 406 -15.41 -21.42 -9.06
C ASN A 406 -14.68 -20.21 -9.59
N LEU A 407 -15.40 -19.44 -10.41
CA LEU A 407 -14.88 -18.20 -10.97
C LEU A 407 -14.53 -17.20 -9.89
N SER A 408 -15.29 -17.17 -8.80
CA SER A 408 -15.07 -16.16 -7.77
C SER A 408 -13.81 -16.41 -6.97
N MET A 409 -13.25 -17.61 -7.00
CA MET A 409 -11.99 -17.89 -6.34
C MET A 409 -10.96 -18.49 -7.28
N GLY A 410 -11.28 -18.62 -8.57
CA GLY A 410 -10.40 -19.23 -9.54
C GLY A 410 -9.69 -18.22 -10.42
N GLU A 411 -10.26 -17.97 -11.61
CA GLU A 411 -9.68 -17.02 -12.54
C GLU A 411 -9.58 -15.61 -11.96
N MET A 412 -10.61 -15.18 -11.24
CA MET A 412 -10.57 -13.89 -10.56
C MET A 412 -10.69 -14.09 -9.06
N THR A 413 -9.87 -13.36 -8.33
CA THR A 413 -9.79 -13.45 -6.89
C THR A 413 -10.03 -12.05 -6.36
N ALA A 414 -10.09 -11.93 -5.03
CA ALA A 414 -10.24 -10.65 -4.33
C ALA A 414 -9.22 -9.63 -4.79
N GLY A 415 -7.97 -10.06 -4.95
CA GLY A 415 -6.97 -9.16 -5.50
C GLY A 415 -7.23 -8.82 -6.95
N GLN A 416 -7.82 -9.76 -7.70
CA GLN A 416 -7.93 -9.56 -9.13
C GLN A 416 -9.04 -8.57 -9.45
N ILE A 417 -10.00 -8.39 -8.56
CA ILE A 417 -10.92 -7.29 -8.72
C ILE A 417 -10.40 -6.08 -7.96
N CYS A 418 -9.51 -6.29 -6.99
CA CYS A 418 -9.05 -5.21 -6.16
C CYS A 418 -8.16 -4.26 -6.95
N ASN A 419 -7.15 -4.80 -7.62
CA ASN A 419 -6.36 -3.98 -8.55
C ASN A 419 -7.20 -3.42 -9.69
N LEU A 420 -8.25 -4.14 -10.09
CA LEU A 420 -9.16 -3.62 -11.11
C LEU A 420 -9.87 -2.37 -10.63
N VAL A 421 -10.11 -2.26 -9.34
CA VAL A 421 -10.41 -0.94 -8.80
C VAL A 421 -9.15 -0.09 -8.82
N ALA A 422 -8.06 -0.62 -8.30
CA ALA A 422 -6.93 0.21 -7.95
C ALA A 422 -6.16 0.69 -9.17
N ILE A 423 -6.22 -0.05 -10.27
CA ILE A 423 -5.50 0.30 -11.49
C ILE A 423 -6.45 0.81 -12.54
N ASP A 424 -7.42 -0.01 -12.94
CA ASP A 424 -8.14 0.23 -14.18
C ASP A 424 -9.07 1.40 -14.09
N THR A 425 -9.49 1.76 -12.89
CA THR A 425 -10.16 3.03 -12.69
C THR A 425 -9.20 4.16 -13.00
N ASN A 426 -7.99 4.06 -12.48
CA ASN A 426 -7.03 5.13 -12.69
C ASN A 426 -6.51 5.10 -14.11
N GLN A 427 -6.46 3.92 -14.73
CA GLN A 427 -6.14 3.84 -16.14
C GLN A 427 -7.16 4.59 -16.98
N LEU A 428 -8.45 4.38 -16.70
CA LEU A 428 -9.51 5.20 -17.29
C LEU A 428 -9.33 6.66 -16.98
N MET A 429 -8.94 6.95 -15.75
CA MET A 429 -8.99 8.31 -15.26
C MET A 429 -7.89 9.11 -15.91
N TRP A 430 -6.66 8.61 -15.85
CA TRP A 430 -5.54 9.19 -16.57
C TRP A 430 -5.72 9.17 -18.07
N PHE A 431 -6.53 8.25 -18.60
CA PHE A 431 -6.89 8.39 -20.00
C PHE A 431 -7.71 9.62 -20.23
N PHE A 432 -8.79 9.79 -19.50
CA PHE A 432 -9.54 11.02 -19.65
C PHE A 432 -8.82 12.24 -19.09
N PHE A 433 -7.74 12.06 -18.35
CA PHE A 433 -6.85 13.16 -18.06
C PHE A 433 -6.11 13.60 -19.30
N LEU A 434 -5.93 12.69 -20.24
CA LEU A 434 -5.07 13.01 -21.36
C LEU A 434 -5.79 12.97 -22.69
N CYS A 435 -7.02 12.48 -22.69
CA CYS A 435 -7.86 12.37 -23.87
C CYS A 435 -7.95 13.62 -24.74
N PRO A 436 -7.96 14.86 -24.24
CA PRO A 436 -7.87 15.97 -25.18
C PRO A 436 -6.54 16.03 -25.87
N ASN A 437 -5.47 15.63 -25.20
CA ASN A 437 -4.14 15.91 -25.72
C ASN A 437 -3.85 15.07 -26.94
N LEU A 438 -4.42 13.87 -27.00
CA LEU A 438 -4.23 13.05 -28.18
C LEU A 438 -4.97 13.63 -29.37
N TRP A 439 -6.03 14.40 -29.12
CA TRP A 439 -6.66 15.08 -30.24
C TRP A 439 -5.84 16.26 -30.69
N THR A 440 -4.98 16.74 -29.86
CA THR A 440 -4.60 18.13 -29.95
C THR A 440 -3.11 18.32 -30.05
N MET A 441 -2.34 17.49 -29.35
CA MET A 441 -0.90 17.64 -29.34
C MET A 441 -0.26 17.55 -30.73
N PRO A 442 -0.68 16.67 -31.66
CA PRO A 442 -0.11 16.78 -33.00
C PRO A 442 -0.48 18.05 -33.70
N VAL A 443 -1.64 18.63 -33.40
CA VAL A 443 -1.95 19.94 -33.96
C VAL A 443 -1.00 20.99 -33.40
N GLN A 444 -0.60 20.84 -32.14
CA GLN A 444 0.45 21.71 -31.61
C GLN A 444 1.78 21.44 -32.27
N ILE A 445 2.02 20.21 -32.71
CA ILE A 445 3.27 19.88 -33.34
C ILE A 445 3.30 20.50 -34.72
N ILE A 446 2.26 20.27 -35.50
CA ILE A 446 2.24 20.65 -36.89
C ILE A 446 2.20 22.16 -37.02
N VAL A 447 1.40 22.83 -36.20
CA VAL A 447 1.39 24.28 -36.27
C VAL A 447 2.68 24.87 -35.66
N GLY A 448 3.32 24.17 -34.71
CA GLY A 448 4.67 24.55 -34.35
C GLY A 448 5.67 24.39 -35.47
N VAL A 449 5.47 23.38 -36.30
CA VAL A 449 6.33 23.19 -37.46
C VAL A 449 6.08 24.29 -38.48
N ILE A 450 4.83 24.60 -38.76
CA ILE A 450 4.51 25.58 -39.79
C ILE A 450 4.93 26.97 -39.35
N LEU A 451 4.72 27.31 -38.08
CA LEU A 451 5.18 28.58 -37.56
C LEU A 451 6.66 28.57 -37.22
N LEU A 452 7.33 27.46 -37.42
CA LEU A 452 8.77 27.49 -37.59
C LEU A 452 9.16 27.64 -39.06
N TYR A 453 8.34 27.09 -39.95
CA TYR A 453 8.62 27.11 -41.38
C TYR A 453 8.60 28.52 -41.94
N TYR A 454 7.65 29.36 -41.48
CA TYR A 454 7.67 30.75 -41.91
C TYR A 454 8.65 31.59 -41.13
N ILE A 455 9.66 30.97 -40.51
CA ILE A 455 10.80 31.67 -39.97
C ILE A 455 12.09 31.25 -40.66
N LEU A 456 12.28 29.95 -40.89
CA LEU A 456 13.45 29.52 -41.63
C LEU A 456 13.14 28.91 -42.99
N GLY A 457 12.26 27.92 -43.04
CA GLY A 457 11.95 27.32 -44.33
C GLY A 457 12.45 25.91 -44.44
N VAL A 458 13.35 25.65 -45.39
CA VAL A 458 13.91 24.30 -45.49
C VAL A 458 14.86 24.01 -44.32
N SER A 459 15.49 25.06 -43.76
CA SER A 459 16.27 24.87 -42.56
C SER A 459 15.37 24.61 -41.35
N ALA A 460 14.15 25.13 -41.39
CA ALA A 460 13.17 24.81 -40.38
C ALA A 460 12.80 23.34 -40.45
N LEU A 461 12.55 22.85 -41.66
CA LEU A 461 12.05 21.50 -41.81
C LEU A 461 13.13 20.49 -41.48
N ILE A 462 14.37 20.81 -41.84
CA ILE A 462 15.46 19.90 -41.51
C ILE A 462 15.82 19.98 -40.03
N GLY A 463 15.57 21.13 -39.38
CA GLY A 463 15.87 21.22 -37.96
C GLY A 463 14.82 20.62 -37.06
N ALA A 464 13.55 20.71 -37.45
CA ALA A 464 12.46 20.32 -36.56
C ALA A 464 12.37 18.82 -36.36
N ALA A 465 12.84 18.04 -37.33
CA ALA A 465 12.52 16.62 -37.36
C ALA A 465 13.26 15.84 -36.29
N VAL A 466 14.30 16.40 -35.70
CA VAL A 466 14.94 15.78 -34.55
C VAL A 466 13.97 15.74 -33.40
N ILE A 467 13.50 16.92 -32.99
CA ILE A 467 12.68 17.03 -31.80
C ILE A 467 11.32 16.42 -32.05
N ILE A 468 10.87 16.42 -33.31
CA ILE A 468 9.62 15.75 -33.64
C ILE A 468 9.79 14.24 -33.51
N LEU A 469 10.70 13.66 -34.28
CA LEU A 469 10.75 12.22 -34.43
C LEU A 469 11.48 11.54 -33.29
N LEU A 470 12.05 12.29 -32.37
CA LEU A 470 12.86 11.67 -31.33
C LEU A 470 12.12 11.49 -30.02
N ALA A 471 10.98 12.13 -29.82
CA ALA A 471 10.17 11.84 -28.65
C ALA A 471 9.69 10.40 -28.48
N PRO A 472 9.40 9.59 -29.52
CA PRO A 472 9.09 8.18 -29.24
C PRO A 472 10.26 7.33 -28.80
N VAL A 473 11.46 7.90 -28.68
CA VAL A 473 12.50 7.17 -27.97
C VAL A 473 12.12 7.06 -26.51
N GLN A 474 11.41 8.06 -25.97
CA GLN A 474 10.82 7.94 -24.64
C GLN A 474 9.82 6.78 -24.59
N TYR A 475 9.03 6.61 -25.63
CA TYR A 475 8.13 5.46 -25.74
C TYR A 475 8.90 4.15 -25.82
N PHE A 476 10.10 4.18 -26.36
CA PHE A 476 10.96 3.01 -26.27
C PHE A 476 11.46 2.81 -24.84
N VAL A 477 11.94 3.88 -24.22
CA VAL A 477 12.72 3.76 -22.99
C VAL A 477 11.80 3.46 -21.81
N ALA A 478 10.70 4.21 -21.69
CA ALA A 478 9.83 4.02 -20.55
C ALA A 478 9.14 2.67 -20.59
N THR A 479 9.07 2.07 -21.76
CA THR A 479 8.68 0.68 -21.87
C THR A 479 9.64 -0.20 -21.08
N LYS A 480 10.94 0.06 -21.23
CA LYS A 480 11.93 -0.65 -20.43
C LYS A 480 11.78 -0.30 -18.96
N LEU A 481 11.38 0.92 -18.67
CA LEU A 481 11.13 1.32 -17.29
C LEU A 481 9.98 0.52 -16.69
N SER A 482 8.91 0.35 -17.46
CA SER A 482 7.82 -0.53 -17.05
C SER A 482 8.27 -1.96 -16.89
N GLN A 483 9.10 -2.44 -17.80
CA GLN A 483 9.73 -3.75 -17.69
C GLN A 483 10.55 -3.88 -16.42
N ALA A 484 11.31 -2.84 -16.09
CA ALA A 484 12.00 -2.77 -14.82
C ALA A 484 11.07 -2.71 -13.63
N GLN A 485 9.93 -2.05 -13.76
CA GLN A 485 8.97 -2.05 -12.66
C GLN A 485 8.32 -3.41 -12.48
N ARG A 486 8.09 -4.12 -13.58
CA ARG A 486 7.68 -5.50 -13.48
C ARG A 486 8.77 -6.35 -12.88
N THR A 487 10.03 -6.03 -13.15
CA THR A 487 11.12 -6.74 -12.52
C THR A 487 11.24 -6.33 -11.06
N THR A 488 10.77 -5.13 -10.75
CA THR A 488 10.85 -4.59 -9.41
C THR A 488 9.93 -5.34 -8.48
N LEU A 489 8.63 -5.32 -8.80
CA LEU A 489 7.65 -5.87 -7.86
C LEU A 489 7.79 -7.38 -7.71
N GLU A 490 8.14 -8.07 -8.80
CA GLU A 490 8.33 -9.52 -8.78
C GLU A 490 9.51 -9.94 -7.94
N HIS A 491 10.39 -9.01 -7.61
CA HIS A 491 11.52 -9.33 -6.78
C HIS A 491 11.43 -8.65 -5.43
N SER A 492 10.64 -7.59 -5.33
CA SER A 492 10.52 -6.84 -4.10
C SER A 492 9.52 -7.49 -3.17
N ASN A 493 8.40 -7.98 -3.73
CA ASN A 493 7.24 -8.29 -2.92
C ASN A 493 7.49 -9.49 -2.03
N GLU A 494 8.13 -10.53 -2.59
CA GLU A 494 8.47 -11.71 -1.82
C GLU A 494 9.49 -11.40 -0.73
N ARG A 495 10.45 -10.54 -1.05
CA ARG A 495 11.37 -10.01 -0.06
C ARG A 495 10.65 -9.28 1.07
N LEU A 496 9.72 -8.39 0.73
CA LEU A 496 8.94 -7.69 1.74
C LEU A 496 8.05 -8.64 2.54
N LYS A 497 7.56 -9.70 1.92
CA LYS A 497 6.86 -10.75 2.65
C LYS A 497 7.78 -11.46 3.62
N GLN A 498 9.02 -11.71 3.21
CA GLN A 498 9.97 -12.32 4.12
C GLN A 498 10.42 -11.36 5.20
N THR A 499 10.42 -10.06 4.91
CA THR A 499 10.62 -9.05 5.93
C THR A 499 9.49 -9.05 6.95
N ASN A 500 8.25 -9.18 6.48
CA ASN A 500 7.12 -9.32 7.39
C ASN A 500 7.17 -10.63 8.17
N GLU A 501 7.73 -11.66 7.56
CA GLU A 501 7.96 -12.91 8.28
C GLU A 501 9.01 -12.72 9.38
N MET A 502 10.08 -12.00 9.08
CA MET A 502 11.11 -11.75 10.08
C MET A 502 10.61 -10.81 11.15
N LEU A 503 9.68 -9.93 10.81
CA LEU A 503 9.23 -8.95 11.77
C LEU A 503 8.12 -9.48 12.65
N ARG A 504 7.25 -10.35 12.13
CA ARG A 504 6.11 -10.82 12.89
C ARG A 504 6.53 -11.76 14.01
N GLY A 505 7.45 -12.67 13.71
CA GLY A 505 7.93 -13.58 14.72
C GLY A 505 9.31 -13.16 15.19
N MET A 506 9.54 -11.85 15.20
CA MET A 506 10.82 -11.31 15.62
C MET A 506 11.12 -11.65 17.07
N LYS A 507 10.09 -11.71 17.91
CA LYS A 507 10.26 -12.10 19.30
C LYS A 507 10.82 -13.51 19.37
N LEU A 508 10.26 -14.43 18.58
CA LEU A 508 10.75 -15.79 18.61
C LEU A 508 12.11 -15.89 17.96
N LEU A 509 12.38 -15.02 16.98
CA LEU A 509 13.64 -15.05 16.27
C LEU A 509 14.79 -14.66 17.21
N LYS A 510 14.61 -13.59 17.96
CA LYS A 510 15.61 -13.25 18.97
C LYS A 510 15.54 -14.19 20.16
N LEU A 511 14.39 -14.80 20.40
CA LEU A 511 14.33 -15.89 21.35
C LEU A 511 15.11 -17.09 20.83
N TYR A 512 15.01 -17.37 19.54
CA TYR A 512 15.93 -18.31 18.93
C TYR A 512 17.33 -17.76 18.79
N ALA A 513 17.51 -16.44 19.01
CA ALA A 513 18.74 -15.70 18.75
C ALA A 513 19.20 -15.90 17.30
N TRP A 514 18.24 -15.80 16.38
CA TRP A 514 18.50 -16.05 14.97
C TRP A 514 18.25 -14.82 14.11
N GLU A 515 18.75 -13.67 14.54
CA GLU A 515 18.66 -12.48 13.73
C GLU A 515 19.61 -12.52 12.54
N SER A 516 20.77 -13.17 12.70
CA SER A 516 21.83 -13.07 11.70
C SER A 516 21.49 -13.81 10.42
N ILE A 517 21.03 -15.05 10.51
CA ILE A 517 20.74 -15.81 9.30
C ILE A 517 19.47 -15.28 8.65
N PHE A 518 18.49 -14.89 9.47
CA PHE A 518 17.21 -14.44 8.93
C PHE A 518 17.38 -13.11 8.23
N CYS A 519 18.28 -12.26 8.74
CA CYS A 519 18.54 -11.01 8.07
C CYS A 519 19.42 -11.24 6.85
N SER A 520 20.32 -12.22 6.92
CA SER A 520 21.27 -12.46 5.85
C SER A 520 20.58 -12.95 4.59
N ARG A 521 19.53 -13.75 4.75
CA ARG A 521 18.75 -14.20 3.60
C ARG A 521 18.09 -13.02 2.88
N VAL A 522 17.59 -12.05 3.65
CA VAL A 522 17.03 -10.86 3.04
C VAL A 522 18.11 -9.97 2.49
N GLU A 523 19.32 -10.07 3.05
CA GLU A 523 20.41 -9.20 2.60
C GLU A 523 20.89 -9.65 1.23
N VAL A 524 21.07 -10.95 1.05
CA VAL A 524 21.52 -11.43 -0.24
C VAL A 524 20.38 -11.34 -1.25
N THR A 525 19.13 -11.41 -0.77
CA THR A 525 18.00 -11.11 -1.65
C THR A 525 18.04 -9.67 -2.10
N ARG A 526 18.40 -8.78 -1.17
CA ARG A 526 18.48 -7.35 -1.45
C ARG A 526 19.56 -7.06 -2.47
N ARG A 527 20.60 -7.89 -2.51
CA ARG A 527 21.68 -7.68 -3.49
C ARG A 527 21.14 -7.77 -4.92
N LYS A 528 20.24 -8.72 -5.15
CA LYS A 528 19.60 -8.82 -6.44
C LYS A 528 18.54 -7.75 -6.63
N GLU A 529 17.91 -7.33 -5.53
CA GLU A 529 16.92 -6.27 -5.63
C GLU A 529 17.57 -4.95 -6.03
N MET A 530 18.76 -4.70 -5.51
CA MET A 530 19.61 -3.61 -5.96
C MET A 530 20.05 -3.81 -7.40
N THR A 531 20.36 -5.06 -7.79
CA THR A 531 20.78 -5.28 -9.16
C THR A 531 19.66 -5.01 -10.16
N SER A 532 18.41 -5.24 -9.75
CA SER A 532 17.26 -4.83 -10.56
C SER A 532 17.07 -3.32 -10.56
N LEU A 533 17.17 -2.69 -9.39
CA LEU A 533 17.06 -1.24 -9.37
C LEU A 533 18.24 -0.55 -10.04
N ARG A 534 19.36 -1.27 -10.24
CA ARG A 534 20.46 -0.77 -11.05
C ARG A 534 19.98 -0.50 -12.46
N ALA A 535 19.23 -1.44 -13.02
CA ALA A 535 18.70 -1.19 -14.35
C ALA A 535 17.58 -0.18 -14.30
N PHE A 536 16.89 -0.08 -13.15
CA PHE A 536 15.84 0.92 -13.02
C PHE A 536 16.43 2.32 -13.15
N ALA A 537 17.62 2.49 -12.60
CA ALA A 537 18.36 3.74 -12.77
C ALA A 537 18.84 3.90 -14.20
N VAL A 538 19.36 2.83 -14.80
CA VAL A 538 19.89 2.92 -16.16
C VAL A 538 18.80 3.26 -17.16
N TYR A 539 17.59 2.76 -16.91
CA TYR A 539 16.41 3.21 -17.61
C TYR A 539 16.09 4.67 -17.33
N THR A 540 15.97 5.05 -16.05
CA THR A 540 15.55 6.42 -15.75
C THR A 540 16.59 7.48 -16.06
N SER A 541 17.80 7.09 -16.44
CA SER A 541 18.84 8.04 -16.78
C SER A 541 18.53 8.74 -18.10
N ILE A 542 18.37 7.95 -19.16
CA ILE A 542 18.28 8.53 -20.49
C ILE A 542 16.94 9.21 -20.71
N SER A 543 15.94 8.94 -19.86
CA SER A 543 14.66 9.61 -19.96
C SER A 543 14.83 11.10 -19.72
N ILE A 544 15.54 11.44 -18.65
CA ILE A 544 15.92 12.81 -18.35
C ILE A 544 16.84 13.33 -19.43
N PHE A 545 17.76 12.47 -19.86
CA PHE A 545 18.83 12.91 -20.75
C PHE A 545 18.27 13.35 -22.08
N MET A 546 17.54 12.47 -22.76
CA MET A 546 16.92 12.83 -24.01
C MET A 546 15.82 13.86 -23.84
N ASN A 547 15.24 13.97 -22.64
CA ASN A 547 14.31 15.06 -22.40
C ASN A 547 14.99 16.42 -22.36
N THR A 548 16.28 16.45 -22.06
CA THR A 548 16.96 17.74 -21.89
C THR A 548 17.98 18.07 -22.97
N ALA A 549 18.64 17.06 -23.52
CA ALA A 549 19.73 17.28 -24.48
C ALA A 549 19.21 17.56 -25.88
N ILE A 550 18.32 16.72 -26.36
CA ILE A 550 17.64 16.88 -27.65
C ILE A 550 17.03 18.26 -27.90
N PRO A 551 16.61 19.06 -26.90
CA PRO A 551 16.43 20.49 -27.16
C PRO A 551 17.63 21.21 -27.75
N ILE A 552 18.77 21.16 -27.07
CA ILE A 552 19.96 21.83 -27.59
C ILE A 552 20.49 21.07 -28.79
N ALA A 553 20.40 19.74 -28.75
CA ALA A 553 20.94 18.91 -29.81
C ALA A 553 20.14 19.10 -31.09
N ALA A 554 18.87 19.47 -30.95
CA ALA A 554 18.10 19.89 -32.11
C ALA A 554 18.53 21.28 -32.53
N VAL A 555 18.67 22.20 -31.57
CA VAL A 555 18.76 23.62 -31.89
C VAL A 555 20.08 23.94 -32.61
N LEU A 556 21.16 23.32 -32.15
CA LEU A 556 22.45 23.47 -32.80
C LEU A 556 22.49 22.83 -34.18
N ILE A 557 21.99 21.60 -34.29
CA ILE A 557 21.97 20.96 -35.60
C ILE A 557 20.97 21.63 -36.53
N THR A 558 20.00 22.35 -35.99
CA THR A 558 19.18 23.23 -36.81
C THR A 558 19.99 24.39 -37.34
N PHE A 559 20.86 24.94 -36.49
CA PHE A 559 21.46 26.19 -36.90
C PHE A 559 22.66 25.96 -37.78
N VAL A 560 23.42 24.89 -37.55
CA VAL A 560 24.56 24.60 -38.38
C VAL A 560 24.10 24.20 -39.78
N GLY A 561 22.92 23.59 -39.86
CA GLY A 561 22.30 23.38 -41.15
C GLY A 561 21.91 24.67 -41.83
N HIS A 562 21.39 25.62 -41.06
CA HIS A 562 21.11 26.93 -41.66
C HIS A 562 22.37 27.70 -41.99
N VAL A 563 23.48 27.40 -41.32
CA VAL A 563 24.74 28.11 -41.50
C VAL A 563 25.64 27.42 -42.52
N SER A 564 25.93 26.13 -42.30
CA SER A 564 26.90 25.47 -43.14
C SER A 564 26.27 24.76 -44.34
N PHE A 565 25.36 23.82 -44.08
CA PHE A 565 24.86 22.94 -45.15
C PHE A 565 23.95 23.70 -46.10
N PHE A 566 23.02 24.47 -45.55
CA PHE A 566 22.44 25.56 -46.28
C PHE A 566 23.08 26.83 -45.74
N LYS A 567 23.05 27.90 -46.54
CA LYS A 567 23.64 29.14 -46.06
C LYS A 567 22.93 30.37 -46.59
N GLU A 568 21.68 30.24 -47.04
CA GLU A 568 21.06 31.27 -47.87
C GLU A 568 20.65 32.48 -47.06
N SER A 569 19.78 32.29 -46.08
CA SER A 569 19.12 33.41 -45.43
C SER A 569 20.03 34.12 -44.46
N ASP A 570 19.87 35.44 -44.39
CA ASP A 570 20.41 36.20 -43.28
C ASP A 570 19.71 35.77 -42.00
N LEU A 571 20.47 35.71 -40.91
CA LEU A 571 19.95 35.26 -39.63
C LEU A 571 19.83 36.45 -38.68
N SER A 572 18.60 36.95 -38.56
CA SER A 572 18.33 38.02 -37.61
C SER A 572 18.36 37.46 -36.20
N PRO A 573 18.62 38.32 -35.21
CA PRO A 573 18.44 37.87 -33.81
C PRO A 573 17.01 37.56 -33.45
N SER A 574 16.05 38.28 -34.04
CA SER A 574 14.63 37.99 -33.84
C SER A 574 14.29 36.54 -34.21
N VAL A 575 14.83 36.10 -35.34
CA VAL A 575 14.79 34.70 -35.76
C VAL A 575 15.40 33.82 -34.68
N ALA A 576 16.64 34.12 -34.30
CA ALA A 576 17.41 33.18 -33.49
C ALA A 576 16.82 33.04 -32.11
N PHE A 577 16.27 34.11 -31.56
CA PHE A 577 15.61 34.03 -30.28
C PHE A 577 14.29 33.26 -30.39
N ALA A 578 13.42 33.66 -31.34
CA ALA A 578 12.10 33.04 -31.34
C ALA A 578 12.13 31.60 -31.79
N SER A 579 13.15 31.23 -32.58
CA SER A 579 13.45 29.84 -32.86
C SER A 579 13.60 29.05 -31.58
N LEU A 580 14.34 29.61 -30.63
CA LEU A 580 14.54 28.91 -29.39
C LEU A 580 13.29 29.01 -28.54
N SER A 581 12.46 29.99 -28.83
CA SER A 581 11.30 30.20 -28.00
C SER A 581 10.29 29.10 -28.27
N LEU A 582 10.06 28.84 -29.55
CA LEU A 582 9.33 27.65 -29.97
C LEU A 582 9.99 26.37 -29.51
N PHE A 583 11.33 26.31 -29.58
CA PHE A 583 12.04 25.13 -29.11
C PHE A 583 11.79 24.85 -27.63
N HIS A 584 11.80 25.90 -26.83
CA HIS A 584 11.42 25.79 -25.43
C HIS A 584 9.97 25.41 -25.27
N ILE A 585 9.12 25.89 -26.15
CA ILE A 585 7.70 25.62 -25.96
C ILE A 585 7.38 24.18 -26.28
N LEU A 586 7.79 23.72 -27.46
CA LEU A 586 7.30 22.48 -28.03
C LEU A 586 7.69 21.22 -27.28
N VAL A 587 8.65 21.27 -26.37
CA VAL A 587 9.08 20.02 -25.77
C VAL A 587 8.10 19.57 -24.70
N THR A 588 7.59 20.50 -23.92
CA THR A 588 6.60 20.32 -22.86
C THR A 588 5.36 19.59 -23.40
N PRO A 589 4.95 19.79 -24.66
CA PRO A 589 4.20 18.73 -25.32
C PRO A 589 4.93 17.40 -25.42
N LEU A 590 6.09 17.43 -26.08
CA LEU A 590 6.55 16.28 -26.85
C LEU A 590 6.93 15.11 -25.96
N PHE A 591 7.54 15.37 -24.82
CA PHE A 591 7.84 14.28 -23.90
C PHE A 591 6.79 14.12 -22.83
N LEU A 592 5.54 14.43 -23.18
CA LEU A 592 4.38 13.78 -22.57
C LEU A 592 3.75 12.77 -23.50
N LEU A 593 4.11 12.82 -24.78
CA LEU A 593 3.38 12.10 -25.81
C LEU A 593 3.55 10.61 -25.65
N SER A 594 4.74 10.17 -25.27
CA SER A 594 4.96 8.76 -24.99
C SER A 594 4.07 8.28 -23.85
N SER A 595 3.98 9.07 -22.78
CA SER A 595 3.11 8.72 -21.66
C SER A 595 1.65 8.69 -22.06
N VAL A 596 1.28 9.55 -23.01
CA VAL A 596 -0.05 9.49 -23.61
C VAL A 596 -0.26 8.15 -24.29
N VAL A 597 0.64 7.80 -25.23
CA VAL A 597 0.51 6.58 -26.02
C VAL A 597 0.47 5.35 -25.13
N ARG A 598 1.31 5.35 -24.08
CA ARG A 598 1.30 4.31 -23.06
C ARG A 598 -0.05 4.21 -22.38
N SER A 599 -0.57 5.33 -21.91
CA SER A 599 -1.75 5.26 -21.07
C SER A 599 -2.97 4.90 -21.90
N THR A 600 -3.04 5.43 -23.11
CA THR A 600 -4.12 5.09 -24.03
C THR A 600 -4.17 3.61 -24.30
N VAL A 601 -3.01 3.00 -24.59
CA VAL A 601 -3.00 1.56 -24.85
C VAL A 601 -3.34 0.78 -23.59
N LYS A 602 -2.82 1.24 -22.45
CA LYS A 602 -3.02 0.51 -21.19
C LYS A 602 -4.47 0.55 -20.79
N ALA A 603 -5.13 1.68 -20.99
CA ALA A 603 -6.55 1.77 -20.69
C ALA A 603 -7.37 0.98 -21.68
N LEU A 604 -6.96 0.93 -22.95
CA LEU A 604 -7.72 0.11 -23.90
C LEU A 604 -7.55 -1.38 -23.66
N VAL A 605 -6.44 -1.78 -23.07
CA VAL A 605 -6.36 -3.08 -22.43
C VAL A 605 -7.33 -3.17 -21.25
N SER A 606 -7.29 -2.15 -20.40
CA SER A 606 -7.97 -2.23 -19.12
C SER A 606 -9.47 -2.20 -19.27
N VAL A 607 -9.96 -1.62 -20.36
CA VAL A 607 -11.39 -1.66 -20.58
C VAL A 607 -11.81 -3.07 -20.95
N GLN A 608 -10.94 -3.82 -21.62
CA GLN A 608 -11.23 -5.22 -21.90
C GLN A 608 -11.20 -6.06 -20.64
N LYS A 609 -10.19 -5.84 -19.79
CA LYS A 609 -10.17 -6.44 -18.46
C LYS A 609 -11.38 -6.07 -17.62
N LEU A 610 -11.89 -4.86 -17.78
CA LEU A 610 -13.15 -4.49 -17.17
C LEU A 610 -14.32 -5.23 -17.80
N SER A 611 -14.37 -5.27 -19.13
CA SER A 611 -15.55 -5.70 -19.85
C SER A 611 -15.74 -7.20 -19.72
N GLU A 612 -14.70 -7.96 -20.03
CA GLU A 612 -14.76 -9.41 -20.01
C GLU A 612 -14.98 -9.92 -18.60
N PHE A 613 -14.55 -9.16 -17.60
CA PHE A 613 -15.11 -9.29 -16.28
C PHE A 613 -16.60 -9.03 -16.28
N LEU A 614 -17.00 -7.84 -16.71
CA LEU A 614 -18.30 -7.29 -16.39
C LEU A 614 -19.43 -8.08 -17.00
N SER A 615 -19.18 -8.71 -18.14
CA SER A 615 -20.18 -9.59 -18.71
C SER A 615 -19.93 -11.03 -18.31
N SER A 616 -19.76 -11.29 -17.02
CA SER A 616 -19.72 -12.65 -16.54
C SER A 616 -21.04 -12.98 -15.87
N ALA A 617 -21.08 -14.14 -15.22
CA ALA A 617 -22.33 -14.73 -14.76
C ALA A 617 -22.94 -13.96 -13.61
N GLU A 618 -24.18 -13.52 -13.81
CA GLU A 618 -24.95 -12.85 -12.76
C GLU A 618 -25.41 -13.87 -11.72
N ILE A 619 -26.07 -13.38 -10.68
CA ILE A 619 -26.61 -14.25 -9.64
C ILE A 619 -28.11 -14.43 -9.75
N ARG A 620 -28.69 -14.17 -10.94
CA ARG A 620 -30.06 -14.50 -11.31
C ARG A 620 -31.08 -13.85 -10.36
N GLU A 621 -31.14 -12.52 -10.45
CA GLU A 621 -32.04 -11.74 -9.63
C GLU A 621 -33.49 -12.06 -10.00
N GLU A 622 -34.17 -12.80 -9.13
CA GLU A 622 -35.52 -13.26 -9.41
C GLU A 622 -36.41 -13.14 -8.18
N CYS A 678 -42.56 -19.76 6.77
CA CYS A 678 -41.87 -21.03 6.66
C CYS A 678 -40.74 -20.95 5.64
N VAL A 679 -39.88 -21.95 5.65
CA VAL A 679 -38.76 -22.05 4.73
C VAL A 679 -38.91 -23.37 3.99
N GLN A 680 -39.59 -23.33 2.86
CA GLN A 680 -39.90 -24.57 2.15
C GLN A 680 -38.98 -24.72 0.96
N ILE A 681 -38.88 -25.96 0.49
CA ILE A 681 -38.31 -26.31 -0.80
C ILE A 681 -39.17 -27.40 -1.39
N ILE A 682 -39.73 -27.15 -2.56
CA ILE A 682 -40.64 -28.07 -3.22
C ILE A 682 -39.89 -28.70 -4.38
N GLY A 683 -39.14 -29.77 -4.09
CA GLY A 683 -38.57 -30.67 -5.07
C GLY A 683 -37.64 -30.06 -6.11
N GLY A 684 -36.47 -29.59 -5.70
CA GLY A 684 -35.64 -28.77 -6.54
C GLY A 684 -34.53 -29.54 -7.22
N PHE A 685 -33.88 -28.86 -8.17
CA PHE A 685 -32.71 -29.37 -8.88
C PHE A 685 -31.62 -28.30 -8.76
N PHE A 686 -30.88 -28.34 -7.66
CA PHE A 686 -29.88 -27.33 -7.38
C PHE A 686 -28.53 -27.75 -7.94
N THR A 687 -27.74 -26.75 -8.32
CA THR A 687 -26.39 -26.98 -8.84
C THR A 687 -25.44 -25.93 -8.28
N TRP A 688 -24.51 -26.38 -7.43
CA TRP A 688 -23.33 -25.60 -7.07
C TRP A 688 -22.54 -25.15 -8.29
N THR A 689 -22.57 -25.91 -9.37
CA THR A 689 -21.99 -25.51 -10.63
C THR A 689 -22.92 -24.54 -11.37
N PRO A 690 -22.42 -23.83 -12.40
CA PRO A 690 -23.33 -23.19 -13.35
C PRO A 690 -23.97 -24.21 -14.29
N ASP A 691 -24.62 -23.75 -15.35
CA ASP A 691 -25.54 -24.62 -16.10
C ASP A 691 -24.85 -25.70 -16.92
N GLY A 692 -24.12 -26.58 -16.23
CA GLY A 692 -23.61 -27.81 -16.78
C GLY A 692 -24.15 -28.99 -16.00
N ILE A 693 -23.31 -29.59 -15.17
CA ILE A 693 -23.69 -30.76 -14.37
C ILE A 693 -24.35 -30.30 -13.07
N PRO A 694 -25.47 -30.89 -12.68
CA PRO A 694 -26.13 -30.49 -11.43
C PRO A 694 -25.38 -31.00 -10.21
N THR A 695 -25.78 -30.47 -9.07
CA THR A 695 -25.23 -30.92 -7.78
C THR A 695 -26.24 -31.66 -6.93
N LEU A 696 -27.51 -31.26 -6.95
CA LEU A 696 -28.51 -31.88 -6.11
C LEU A 696 -29.88 -31.72 -6.74
N SER A 697 -30.53 -32.82 -7.09
CA SER A 697 -31.85 -32.78 -7.67
C SER A 697 -32.87 -33.43 -6.74
N ASN A 698 -34.15 -33.14 -7.03
CA ASN A 698 -35.32 -33.71 -6.35
C ASN A 698 -35.32 -33.40 -4.86
N ILE A 699 -34.86 -32.21 -4.48
CA ILE A 699 -34.64 -31.88 -3.08
C ILE A 699 -35.82 -31.07 -2.53
N THR A 700 -36.56 -31.66 -1.62
CA THR A 700 -37.66 -31.00 -0.93
C THR A 700 -37.33 -30.90 0.55
N ILE A 701 -37.78 -29.82 1.17
CA ILE A 701 -37.56 -29.58 2.61
C ILE A 701 -38.63 -28.63 3.09
N ARG A 702 -38.83 -28.57 4.40
CA ARG A 702 -39.74 -27.57 4.96
C ARG A 702 -39.31 -27.27 6.38
N ILE A 703 -39.19 -25.98 6.69
CA ILE A 703 -38.89 -25.55 8.05
C ILE A 703 -39.82 -24.41 8.44
N PRO A 704 -40.94 -24.68 9.10
CA PRO A 704 -41.78 -23.58 9.60
C PRO A 704 -41.18 -22.88 10.80
N ARG A 705 -41.88 -21.84 11.28
CA ARG A 705 -41.36 -21.02 12.36
C ARG A 705 -41.38 -21.78 13.67
N GLY A 706 -40.49 -21.38 14.57
CA GLY A 706 -40.37 -22.00 15.88
C GLY A 706 -39.82 -23.40 15.78
N GLN A 707 -38.54 -23.51 15.39
CA GLN A 707 -37.99 -24.79 15.00
C GLN A 707 -36.48 -24.77 15.12
N LEU A 708 -35.92 -25.82 15.72
CA LEU A 708 -34.48 -26.01 15.81
C LEU A 708 -34.11 -27.21 14.95
N THR A 709 -33.33 -26.98 13.91
CA THR A 709 -32.98 -28.03 12.97
C THR A 709 -31.54 -27.83 12.53
N MET A 710 -30.74 -28.88 12.65
CA MET A 710 -29.43 -28.90 12.06
C MET A 710 -29.45 -29.77 10.81
N ILE A 711 -28.27 -29.99 10.25
CA ILE A 711 -28.12 -30.91 9.13
C ILE A 711 -26.72 -31.50 9.24
N VAL A 712 -26.63 -32.82 9.12
CA VAL A 712 -25.40 -33.55 9.40
C VAL A 712 -25.21 -34.64 8.35
N GLY A 713 -23.99 -35.18 8.30
CA GLY A 713 -23.62 -36.17 7.33
C GLY A 713 -22.13 -36.23 7.08
N GLN A 714 -21.72 -36.34 5.82
CA GLN A 714 -20.31 -36.32 5.45
C GLN A 714 -19.97 -34.95 4.88
N VAL A 715 -18.80 -34.45 5.27
CA VAL A 715 -18.38 -33.09 4.93
C VAL A 715 -18.09 -32.97 3.45
N GLY A 716 -17.94 -31.74 2.97
CA GLY A 716 -17.87 -31.53 1.54
C GLY A 716 -19.26 -31.44 0.98
N CYS A 717 -19.93 -32.59 0.89
CA CYS A 717 -21.33 -32.66 0.51
C CYS A 717 -22.13 -32.13 1.71
N GLY A 718 -22.24 -30.82 1.76
CA GLY A 718 -22.65 -30.16 2.98
C GLY A 718 -21.48 -29.77 3.86
N LYS A 719 -20.34 -29.41 3.28
CA LYS A 719 -19.35 -28.66 4.06
C LYS A 719 -19.97 -27.38 4.57
N SER A 720 -20.64 -26.65 3.69
CA SER A 720 -21.75 -25.78 4.04
C SER A 720 -22.83 -25.86 2.97
N SER A 721 -22.79 -26.90 2.15
CA SER A 721 -23.34 -26.85 0.79
C SER A 721 -24.85 -26.70 0.76
N LEU A 722 -25.58 -27.62 1.39
CA LEU A 722 -27.04 -27.59 1.30
C LEU A 722 -27.64 -26.36 1.98
N LEU A 723 -26.98 -25.85 3.01
CA LEU A 723 -27.42 -24.60 3.61
C LEU A 723 -27.19 -23.42 2.68
N LEU A 724 -26.08 -23.40 1.96
CA LEU A 724 -25.87 -22.36 0.97
C LEU A 724 -26.80 -22.56 -0.21
N ALA A 725 -27.21 -23.80 -0.46
CA ALA A 725 -28.24 -24.05 -1.46
C ALA A 725 -29.56 -23.45 -1.02
N THR A 726 -29.81 -23.41 0.29
CA THR A 726 -31.00 -22.73 0.75
C THR A 726 -30.90 -21.22 0.58
N LEU A 727 -29.69 -20.69 0.48
CA LEU A 727 -29.54 -19.27 0.22
C LEU A 727 -29.97 -18.90 -1.19
N GLY A 728 -29.98 -19.86 -2.09
CA GLY A 728 -30.22 -19.57 -3.48
C GLY A 728 -28.93 -19.32 -4.22
N GLU A 729 -27.80 -19.54 -3.57
CA GLU A 729 -26.47 -19.38 -4.15
C GLU A 729 -26.02 -20.65 -4.88
N MET A 730 -26.89 -21.15 -5.76
CA MET A 730 -26.61 -22.31 -6.57
C MET A 730 -27.59 -22.31 -7.73
N GLN A 731 -27.25 -23.03 -8.79
CA GLN A 731 -28.10 -23.10 -9.96
C GLN A 731 -29.26 -24.03 -9.68
N LYS A 732 -30.32 -23.48 -9.10
CA LYS A 732 -31.54 -24.24 -8.90
C LYS A 732 -32.26 -24.39 -10.23
N VAL A 733 -31.98 -25.50 -10.91
CA VAL A 733 -32.50 -25.72 -12.26
C VAL A 733 -34.00 -25.96 -12.24
N SER A 734 -34.55 -26.44 -11.13
CA SER A 734 -35.96 -26.75 -11.06
C SER A 734 -36.42 -26.62 -9.60
N GLY A 735 -37.71 -26.83 -9.38
CA GLY A 735 -38.26 -26.82 -8.05
C GLY A 735 -38.63 -25.44 -7.56
N ALA A 736 -39.19 -25.41 -6.36
CA ALA A 736 -39.65 -24.17 -5.74
C ALA A 736 -39.08 -24.07 -4.34
N VAL A 737 -39.15 -22.86 -3.78
CA VAL A 737 -38.64 -22.62 -2.43
C VAL A 737 -39.32 -21.35 -1.93
N PHE A 738 -39.61 -21.33 -0.63
CA PHE A 738 -40.48 -20.29 -0.10
C PHE A 738 -39.96 -19.78 1.23
N TRP A 739 -39.73 -18.50 1.31
CA TRP A 739 -39.55 -17.74 2.53
C TRP A 739 -40.45 -16.54 2.57
N ASN A 740 -40.69 -15.93 1.39
CA ASN A 740 -41.02 -14.53 1.12
C ASN A 740 -39.85 -13.61 1.43
N SER A 741 -38.62 -14.15 1.45
CA SER A 741 -37.45 -13.31 1.68
C SER A 741 -37.19 -12.40 0.50
N ASN A 742 -37.26 -12.95 -0.71
CA ASN A 742 -37.30 -12.13 -1.93
C ASN A 742 -38.72 -11.71 -2.26
N LEU A 743 -39.59 -12.70 -2.48
CA LEU A 743 -41.00 -12.50 -2.81
C LEU A 743 -41.68 -13.84 -2.59
N PRO A 744 -42.88 -13.86 -1.99
CA PRO A 744 -43.57 -15.12 -1.67
C PRO A 744 -44.03 -15.89 -2.90
N VAL A 770 -33.04 -11.32 7.07
CA VAL A 770 -32.60 -12.70 6.91
C VAL A 770 -31.14 -12.89 7.33
N ALA A 771 -30.88 -13.77 8.29
CA ALA A 771 -29.55 -13.88 8.87
C ALA A 771 -28.91 -15.21 8.54
N TYR A 772 -27.59 -15.26 8.75
CA TYR A 772 -26.74 -16.34 8.29
C TYR A 772 -25.35 -16.12 8.86
N ALA A 773 -24.57 -17.21 8.92
CA ALA A 773 -23.12 -17.12 9.10
C ALA A 773 -22.47 -18.24 8.30
N SER A 774 -21.32 -17.96 7.72
CA SER A 774 -20.69 -18.88 6.80
C SER A 774 -19.74 -19.82 7.53
N GLN A 775 -19.55 -21.01 6.96
CA GLN A 775 -18.64 -21.99 7.55
C GLN A 775 -17.20 -21.51 7.49
N LYS A 776 -16.89 -20.63 6.56
CA LYS A 776 -15.64 -19.91 6.67
C LYS A 776 -15.91 -18.58 7.35
N PRO A 777 -15.00 -18.10 8.20
CA PRO A 777 -15.24 -16.81 8.85
C PRO A 777 -14.95 -15.68 7.88
N TRP A 778 -15.89 -14.73 7.80
CA TRP A 778 -15.69 -13.52 7.01
C TRP A 778 -16.00 -12.36 7.93
N LEU A 779 -15.02 -11.95 8.70
CA LEU A 779 -15.18 -10.84 9.62
C LEU A 779 -15.02 -9.53 8.85
N LEU A 780 -14.97 -8.43 9.59
CA LEU A 780 -14.76 -7.12 9.00
C LEU A 780 -13.63 -6.42 9.73
N ASN A 781 -12.89 -5.57 9.01
CA ASN A 781 -11.78 -4.84 9.59
C ASN A 781 -12.31 -3.56 10.22
N ALA A 782 -12.61 -3.64 11.52
CA ALA A 782 -13.25 -2.55 12.24
C ALA A 782 -13.00 -2.74 13.73
N THR A 783 -13.77 -2.04 14.56
CA THR A 783 -13.81 -2.38 15.97
C THR A 783 -14.50 -3.71 16.16
N VAL A 784 -14.13 -4.40 17.25
CA VAL A 784 -14.66 -5.72 17.53
C VAL A 784 -16.14 -5.64 17.83
N GLU A 785 -16.55 -4.66 18.64
CA GLU A 785 -17.97 -4.41 18.83
C GLU A 785 -18.65 -3.95 17.56
N GLU A 786 -17.92 -3.23 16.71
CA GLU A 786 -18.44 -2.88 15.39
C GLU A 786 -18.53 -4.08 14.46
N ASN A 787 -17.58 -5.00 14.56
CA ASN A 787 -17.75 -6.27 13.87
C ASN A 787 -18.93 -7.06 14.42
N ILE A 788 -19.16 -6.97 15.72
CA ILE A 788 -20.37 -7.54 16.30
C ILE A 788 -21.60 -6.77 15.88
N THR A 789 -21.45 -5.49 15.52
CA THR A 789 -22.60 -4.73 15.04
C THR A 789 -23.06 -5.26 13.70
N PHE A 790 -22.19 -5.19 12.69
CA PHE A 790 -22.48 -5.58 11.31
C PHE A 790 -23.74 -4.88 10.79
N GLU A 791 -23.65 -3.54 10.74
CA GLU A 791 -24.74 -2.65 10.31
C GLU A 791 -25.98 -2.84 11.19
N SER A 792 -25.81 -2.43 12.44
CA SER A 792 -26.87 -2.53 13.44
C SER A 792 -26.91 -1.26 14.26
N PRO A 793 -28.04 -0.98 14.92
CA PRO A 793 -28.05 0.06 15.96
C PRO A 793 -27.41 -0.45 17.25
N PHE A 794 -27.46 0.37 18.28
CA PHE A 794 -26.85 0.03 19.54
C PHE A 794 -27.88 -0.37 20.58
N ASN A 795 -27.51 -1.34 21.41
CA ASN A 795 -28.17 -1.60 22.68
C ASN A 795 -27.14 -2.31 23.55
N LYS A 796 -26.47 -1.54 24.41
CA LYS A 796 -25.29 -2.02 25.12
C LYS A 796 -25.61 -3.14 26.10
N GLN A 797 -26.80 -3.10 26.71
CA GLN A 797 -27.26 -4.22 27.53
C GLN A 797 -27.49 -5.48 26.70
N ARG A 798 -28.22 -5.33 25.60
CA ARG A 798 -28.37 -6.39 24.60
C ARG A 798 -27.02 -6.83 24.05
N TYR A 799 -26.07 -5.91 23.93
CA TYR A 799 -24.71 -6.27 23.58
C TYR A 799 -24.03 -7.07 24.69
N LYS A 800 -24.26 -6.68 25.94
CA LYS A 800 -23.84 -7.51 27.06
C LYS A 800 -24.64 -8.79 27.11
N MET A 801 -25.89 -8.74 26.65
CA MET A 801 -26.67 -9.94 26.46
C MET A 801 -26.29 -10.70 25.19
N VAL A 802 -25.21 -10.28 24.53
CA VAL A 802 -24.65 -10.99 23.40
C VAL A 802 -23.18 -11.33 23.64
N ILE A 803 -22.37 -10.33 23.96
CA ILE A 803 -20.92 -10.51 24.03
C ILE A 803 -20.55 -11.38 25.22
N GLU A 804 -21.07 -11.03 26.39
CA GLU A 804 -20.97 -11.92 27.53
C GLU A 804 -21.74 -13.21 27.28
N ALA A 805 -22.83 -13.14 26.51
CA ALA A 805 -23.54 -14.36 26.14
C ALA A 805 -22.74 -15.19 25.15
N CYS A 806 -21.81 -14.57 24.43
CA CYS A 806 -20.89 -15.32 23.61
C CYS A 806 -19.63 -15.71 24.36
N SER A 807 -19.39 -15.07 25.51
CA SER A 807 -18.18 -15.23 26.32
C SER A 807 -16.92 -14.96 25.50
N LEU A 808 -16.96 -13.89 24.72
CA LEU A 808 -15.77 -13.44 24.02
C LEU A 808 -14.94 -12.51 24.89
N GLN A 809 -15.44 -12.22 26.09
CA GLN A 809 -14.71 -11.47 27.11
C GLN A 809 -13.27 -11.94 27.36
N PRO A 810 -12.91 -13.23 27.36
CA PRO A 810 -11.46 -13.54 27.43
C PRO A 810 -10.72 -13.15 26.18
N ASP A 811 -11.32 -13.37 25.01
CA ASP A 811 -10.74 -12.85 23.78
C ASP A 811 -10.74 -11.33 23.74
N ILE A 812 -11.76 -10.71 24.33
CA ILE A 812 -11.79 -9.25 24.44
C ILE A 812 -10.69 -8.76 25.38
N ASP A 813 -10.37 -9.53 26.41
CA ASP A 813 -9.20 -9.22 27.23
C ASP A 813 -7.91 -9.47 26.47
N ILE A 814 -7.91 -10.47 25.59
CA ILE A 814 -6.74 -10.69 24.75
C ILE A 814 -6.59 -9.57 23.74
N LEU A 815 -7.69 -8.93 23.37
CA LEU A 815 -7.62 -7.72 22.57
C LEU A 815 -6.99 -6.61 23.40
N PRO A 816 -6.20 -5.72 22.80
CA PRO A 816 -5.62 -4.61 23.56
C PRO A 816 -6.66 -3.59 23.99
N HIS A 817 -7.79 -3.50 23.28
CA HIS A 817 -8.78 -2.48 23.61
C HIS A 817 -10.20 -3.00 23.52
N GLY A 818 -10.40 -4.32 23.46
CA GLY A 818 -11.71 -4.94 23.61
C GLY A 818 -12.74 -4.56 22.55
N ASP A 819 -13.84 -3.96 22.99
CA ASP A 819 -14.85 -3.45 22.07
C ASP A 819 -14.33 -2.32 21.21
N GLN A 820 -13.36 -1.56 21.71
CA GLN A 820 -12.65 -0.54 20.96
C GLN A 820 -11.32 -1.04 20.41
N THR A 821 -11.17 -2.34 20.19
CA THR A 821 -9.95 -2.85 19.58
C THR A 821 -10.02 -2.77 18.06
N GLN A 822 -9.13 -3.49 17.38
CA GLN A 822 -8.97 -3.42 15.94
C GLN A 822 -9.14 -4.81 15.34
N ILE A 823 -10.37 -5.12 14.97
CA ILE A 823 -10.74 -6.43 14.46
C ILE A 823 -10.35 -6.50 12.99
N GLY A 824 -10.45 -7.68 12.40
CA GLY A 824 -10.19 -7.83 10.98
C GLY A 824 -8.71 -7.73 10.63
N GLU A 825 -8.43 -7.05 9.52
CA GLU A 825 -7.04 -6.66 9.27
C GLU A 825 -6.51 -5.70 10.31
N ARG A 826 -5.18 -5.75 10.49
CA ARG A 826 -4.47 -5.15 11.61
C ARG A 826 -5.01 -5.63 12.96
N GLY A 827 -4.83 -6.93 13.18
CA GLY A 827 -5.20 -7.56 14.42
C GLY A 827 -4.79 -9.01 14.36
N ILE A 828 -4.72 -9.62 15.55
CA ILE A 828 -4.42 -11.04 15.64
C ILE A 828 -5.63 -11.83 15.17
N ASN A 829 -5.49 -12.51 14.03
CA ASN A 829 -6.58 -13.33 13.51
C ASN A 829 -6.60 -14.57 14.38
N LEU A 830 -7.54 -14.62 15.32
CA LEU A 830 -7.67 -15.76 16.20
C LEU A 830 -8.44 -16.88 15.51
N SER A 831 -8.77 -17.90 16.28
CA SER A 831 -9.52 -19.02 15.76
C SER A 831 -10.96 -18.63 15.54
N GLY A 832 -11.69 -19.49 14.82
CA GLY A 832 -13.13 -19.32 14.69
C GLY A 832 -13.85 -19.40 16.02
N GLY A 833 -13.26 -20.09 16.99
CA GLY A 833 -13.76 -20.04 18.35
C GLY A 833 -13.64 -18.66 18.99
N GLN A 834 -12.86 -17.77 18.41
CA GLN A 834 -13.03 -16.33 18.59
C GLN A 834 -13.69 -15.67 17.38
N ARG A 835 -13.14 -15.90 16.18
CA ARG A 835 -13.55 -15.16 15.00
C ARG A 835 -14.96 -15.50 14.59
N GLN A 836 -15.19 -16.77 14.25
CA GLN A 836 -16.54 -17.23 13.91
C GLN A 836 -17.46 -17.19 15.10
N ARG A 837 -16.90 -17.27 16.31
CA ARG A 837 -17.68 -16.99 17.51
C ARG A 837 -18.22 -15.57 17.48
N ILE A 838 -17.37 -14.61 17.13
CA ILE A 838 -17.81 -13.23 16.96
C ILE A 838 -18.79 -13.10 15.80
N SER A 839 -18.65 -13.94 14.79
CA SER A 839 -19.65 -13.96 13.73
C SER A 839 -20.99 -14.48 14.23
N VAL A 840 -20.98 -15.58 14.98
CA VAL A 840 -22.20 -16.11 15.60
C VAL A 840 -22.78 -15.13 16.59
N ALA A 841 -21.93 -14.31 17.20
CA ALA A 841 -22.38 -13.20 18.00
C ALA A 841 -23.18 -12.20 17.19
N ARG A 842 -22.58 -11.63 16.15
CA ARG A 842 -23.28 -10.67 15.30
C ARG A 842 -24.52 -11.27 14.64
N ALA A 843 -24.47 -12.56 14.34
CA ALA A 843 -25.64 -13.35 13.97
C ALA A 843 -26.73 -13.28 15.02
N LEU A 844 -26.44 -13.71 16.24
CA LEU A 844 -27.48 -13.74 17.26
C LEU A 844 -27.91 -12.34 17.65
N TYR A 845 -26.99 -11.39 17.56
CA TYR A 845 -27.27 -10.02 17.95
C TYR A 845 -28.18 -9.35 16.96
N GLN A 846 -28.21 -9.86 15.72
CA GLN A 846 -28.80 -9.15 14.59
C GLN A 846 -30.31 -8.92 14.71
N GLN A 847 -30.96 -9.52 15.73
CA GLN A 847 -32.39 -9.37 16.00
C GLN A 847 -33.23 -9.78 14.81
N THR A 848 -32.81 -10.83 14.13
CA THR A 848 -33.49 -11.35 12.96
C THR A 848 -34.42 -12.48 13.37
N ASN A 849 -35.28 -12.87 12.44
CA ASN A 849 -36.22 -13.96 12.73
C ASN A 849 -35.55 -15.32 12.60
N VAL A 850 -34.94 -15.60 11.45
CA VAL A 850 -34.43 -16.92 11.13
C VAL A 850 -32.92 -16.83 10.99
N VAL A 851 -32.23 -17.84 11.51
CA VAL A 851 -30.78 -17.89 11.41
C VAL A 851 -30.35 -19.20 10.77
N PHE A 852 -29.17 -19.16 10.15
CA PHE A 852 -28.55 -20.34 9.55
C PHE A 852 -27.10 -20.36 10.01
N LEU A 853 -26.84 -21.00 11.14
CA LEU A 853 -25.48 -21.14 11.63
C LEU A 853 -24.86 -22.41 11.07
N ASP A 854 -23.53 -22.41 10.99
CA ASP A 854 -22.82 -23.47 10.28
C ASP A 854 -21.72 -24.04 11.16
N ASP A 855 -21.93 -25.29 11.61
CA ASP A 855 -21.01 -26.24 12.27
C ASP A 855 -19.98 -25.61 13.19
N PRO A 856 -20.38 -24.83 14.18
CA PRO A 856 -19.41 -23.97 14.88
C PRO A 856 -18.47 -24.73 15.79
N PHE A 857 -18.85 -25.96 16.17
CA PHE A 857 -17.97 -26.84 16.93
C PHE A 857 -16.69 -27.16 16.17
N SER A 858 -16.75 -27.17 14.83
CA SER A 858 -15.54 -27.29 14.03
C SER A 858 -14.64 -26.07 14.24
N ALA A 859 -15.23 -24.90 14.40
CA ALA A 859 -14.42 -23.73 14.71
C ALA A 859 -14.20 -23.53 16.20
N LEU A 860 -15.01 -24.16 17.04
CA LEU A 860 -14.90 -23.92 18.47
C LEU A 860 -13.77 -24.76 19.08
N ASP A 861 -13.59 -24.60 20.38
CA ASP A 861 -12.67 -25.39 21.20
C ASP A 861 -13.50 -26.40 21.98
N VAL A 862 -12.86 -27.11 22.92
CA VAL A 862 -13.56 -28.16 23.66
C VAL A 862 -14.49 -27.56 24.70
N HIS A 863 -13.93 -26.81 25.65
CA HIS A 863 -14.78 -26.15 26.63
C HIS A 863 -15.55 -25.03 25.98
N LEU A 864 -15.04 -24.51 24.86
CA LEU A 864 -15.83 -23.56 24.10
C LEU A 864 -17.01 -24.27 23.45
N SER A 865 -16.88 -25.55 23.08
CA SER A 865 -18.03 -26.30 22.60
C SER A 865 -19.04 -26.52 23.72
N ASP A 866 -18.56 -26.70 24.94
CA ASP A 866 -19.46 -26.70 26.09
C ASP A 866 -20.16 -25.36 26.28
N HIS A 867 -19.44 -24.27 26.06
CA HIS A 867 -20.10 -22.98 26.03
C HIS A 867 -20.95 -22.80 24.78
N LEU A 868 -20.62 -23.49 23.69
CA LEU A 868 -21.46 -23.42 22.51
C LEU A 868 -22.78 -24.17 22.70
N MET A 869 -22.75 -25.26 23.46
CA MET A 869 -23.99 -25.85 23.94
C MET A 869 -24.74 -24.90 24.86
N GLN A 870 -24.02 -24.19 25.71
CA GLN A 870 -24.66 -23.16 26.52
C GLN A 870 -25.13 -21.96 25.70
N ALA A 871 -24.42 -21.63 24.64
CA ALA A 871 -24.86 -20.63 23.68
C ALA A 871 -26.06 -21.08 22.86
N GLY A 872 -26.15 -22.36 22.52
CA GLY A 872 -27.41 -22.87 22.00
C GLY A 872 -28.53 -22.83 23.00
N ILE A 873 -28.22 -23.01 24.27
CA ILE A 873 -29.22 -22.86 25.33
C ILE A 873 -29.55 -21.40 25.60
N LEU A 874 -28.68 -20.48 25.23
CA LEU A 874 -29.03 -19.08 25.22
C LEU A 874 -29.71 -18.68 23.93
N GLU A 875 -29.44 -19.41 22.86
CA GLU A 875 -30.04 -19.15 21.56
C GLU A 875 -31.52 -19.43 21.59
N LEU A 876 -31.90 -20.64 22.00
CA LEU A 876 -33.31 -20.98 22.17
C LEU A 876 -33.96 -20.20 23.30
N LEU A 877 -33.19 -19.74 24.28
CA LEU A 877 -33.71 -18.76 25.22
C LEU A 877 -33.99 -17.44 24.52
N ARG A 878 -33.05 -17.00 23.69
CA ARG A 878 -33.23 -15.82 22.88
C ARG A 878 -34.19 -16.04 21.73
N ASP A 879 -34.46 -17.30 21.36
CA ASP A 879 -35.40 -17.59 20.28
C ASP A 879 -36.81 -17.36 20.80
N ASP A 880 -37.17 -16.08 20.92
CA ASP A 880 -38.52 -15.67 21.28
C ASP A 880 -39.39 -15.87 20.05
N LYS A 881 -39.75 -17.14 19.82
CA LYS A 881 -40.35 -17.63 18.58
C LYS A 881 -39.52 -17.21 17.36
N ARG A 882 -38.27 -17.67 17.33
CA ARG A 882 -37.39 -17.47 16.19
C ARG A 882 -37.42 -18.71 15.29
N THR A 883 -36.62 -18.70 14.23
CA THR A 883 -36.55 -19.81 13.29
C THR A 883 -35.11 -20.10 12.93
N VAL A 884 -34.24 -20.19 13.93
CA VAL A 884 -32.82 -20.45 13.71
C VAL A 884 -32.64 -21.88 13.23
N VAL A 885 -32.22 -22.06 11.99
CA VAL A 885 -32.03 -23.39 11.41
C VAL A 885 -30.55 -23.59 11.18
N LEU A 886 -29.86 -24.18 12.14
CA LEU A 886 -28.42 -24.35 12.04
C LEU A 886 -28.07 -25.58 11.23
N VAL A 887 -26.80 -25.99 11.33
CA VAL A 887 -26.28 -27.25 10.81
C VAL A 887 -24.97 -27.50 11.52
N THR A 888 -24.69 -28.76 11.84
CA THR A 888 -23.45 -29.11 12.52
C THR A 888 -23.10 -30.57 12.24
N HIS A 889 -22.10 -31.06 12.96
CA HIS A 889 -21.55 -32.39 12.74
C HIS A 889 -21.57 -33.23 14.01
N LYS A 890 -21.41 -32.59 15.17
CA LYS A 890 -21.26 -33.32 16.41
C LYS A 890 -22.60 -33.84 16.90
N LEU A 891 -22.54 -34.80 17.83
CA LEU A 891 -23.73 -35.42 18.38
C LEU A 891 -24.24 -34.72 19.63
N GLN A 892 -23.82 -33.47 19.85
CA GLN A 892 -24.09 -32.79 21.11
C GLN A 892 -25.57 -32.46 21.25
N TYR A 893 -26.13 -31.76 20.28
CA TYR A 893 -27.56 -31.52 20.24
C TYR A 893 -28.30 -32.54 19.42
N LEU A 894 -27.65 -33.66 19.08
CA LEU A 894 -28.39 -34.81 18.59
C LEU A 894 -29.47 -35.28 19.58
N PRO A 895 -29.32 -35.21 20.91
CA PRO A 895 -30.51 -35.25 21.76
C PRO A 895 -31.42 -34.03 21.61
N HIS A 896 -30.87 -32.83 21.75
CA HIS A 896 -31.69 -31.63 21.86
C HIS A 896 -31.86 -30.99 20.48
N ALA A 897 -32.91 -31.40 19.78
CA ALA A 897 -33.16 -30.90 18.43
C ALA A 897 -34.64 -31.03 18.12
N ASP A 898 -35.25 -29.94 17.61
CA ASP A 898 -36.68 -29.97 17.32
C ASP A 898 -36.99 -30.80 16.08
N TRP A 899 -36.30 -30.54 14.97
CA TRP A 899 -36.39 -31.39 13.80
C TRP A 899 -35.00 -31.87 13.42
N ILE A 900 -34.92 -32.68 12.35
CA ILE A 900 -33.74 -33.50 12.17
C ILE A 900 -32.97 -33.21 10.89
N ILE A 901 -31.87 -33.95 10.69
CA ILE A 901 -30.90 -33.73 9.65
C ILE A 901 -31.26 -34.50 8.39
N ALA A 902 -30.68 -34.10 7.26
CA ALA A 902 -30.81 -34.86 6.02
C ALA A 902 -29.62 -34.52 5.11
N MET A 903 -28.59 -35.36 5.11
CA MET A 903 -27.54 -35.29 4.09
C MET A 903 -26.80 -36.62 4.05
N LYS A 904 -26.94 -37.37 2.97
CA LYS A 904 -26.04 -38.50 2.69
C LYS A 904 -25.00 -38.13 1.64
N ASP A 905 -25.45 -37.84 0.44
CA ASP A 905 -24.72 -37.05 -0.54
C ASP A 905 -25.69 -36.12 -1.23
N GLY A 906 -26.88 -35.99 -0.67
CA GLY A 906 -28.02 -35.31 -1.23
C GLY A 906 -29.13 -35.42 -0.21
N THR A 907 -30.36 -35.67 -0.65
CA THR A 907 -31.49 -35.74 0.26
C THR A 907 -31.46 -37.06 1.01
N ILE A 908 -30.99 -37.04 2.26
CA ILE A 908 -31.16 -38.14 3.19
C ILE A 908 -32.54 -38.01 3.82
N GLN A 909 -32.93 -39.00 4.64
CA GLN A 909 -34.24 -39.08 5.28
C GLN A 909 -34.61 -37.83 6.08
N ARG A 910 -35.91 -37.60 6.27
CA ARG A 910 -36.43 -36.26 6.53
C ARG A 910 -36.21 -35.84 7.98
N GLU A 911 -36.82 -34.73 8.35
CA GLU A 911 -36.52 -34.03 9.58
C GLU A 911 -37.43 -34.41 10.73
N GLY A 912 -38.25 -35.44 10.58
CA GLY A 912 -39.32 -35.60 11.53
C GLY A 912 -38.95 -36.28 12.84
N THR A 913 -38.49 -37.52 12.78
CA THR A 913 -38.32 -38.32 13.99
C THR A 913 -37.34 -39.44 13.71
N LEU A 914 -36.33 -39.54 14.55
CA LEU A 914 -35.34 -40.61 14.40
C LEU A 914 -35.79 -41.93 15.00
N LYS A 915 -37.07 -42.07 15.32
CA LYS A 915 -37.60 -43.37 15.71
C LYS A 915 -37.57 -44.34 14.54
N ASP A 916 -38.31 -44.02 13.48
CA ASP A 916 -38.30 -44.82 12.26
C ASP A 916 -37.27 -44.26 11.29
N PHE A 917 -36.00 -44.42 11.67
CA PHE A 917 -34.89 -43.91 10.88
C PHE A 917 -33.70 -44.85 11.02
N GLN A 918 -32.63 -44.53 10.31
CA GLN A 918 -31.38 -45.29 10.41
C GLN A 918 -30.45 -44.66 11.43
N ARG A 919 -30.98 -44.49 12.65
CA ARG A 919 -30.28 -43.83 13.74
C ARG A 919 -29.13 -44.66 14.29
N SER A 920 -29.07 -45.96 13.95
CA SER A 920 -27.92 -46.78 14.30
C SER A 920 -26.64 -46.27 13.66
N GLU A 921 -26.74 -45.67 12.47
CA GLU A 921 -25.60 -44.99 11.88
C GLU A 921 -25.17 -43.78 12.71
N CYS A 922 -26.11 -42.98 13.17
CA CYS A 922 -25.77 -41.82 14.00
C CYS A 922 -25.39 -42.20 15.42
N GLN A 923 -25.71 -43.42 15.86
CA GLN A 923 -25.44 -43.88 17.21
C GLN A 923 -24.02 -44.36 17.42
N LEU A 924 -23.12 -44.11 16.48
CA LEU A 924 -21.74 -44.52 16.66
C LEU A 924 -20.98 -43.59 17.60
N PHE A 925 -21.50 -42.40 17.85
CA PHE A 925 -20.83 -41.45 18.72
C PHE A 925 -20.93 -41.86 20.19
N ALA A 994 5.99 22.91 9.34
CA ALA A 994 6.98 23.53 8.49
C ALA A 994 7.81 22.49 7.77
N LYS A 995 8.91 22.92 7.17
CA LYS A 995 9.76 22.03 6.39
C LYS A 995 10.54 21.08 7.29
N ILE A 996 11.30 20.19 6.68
CA ILE A 996 12.10 19.21 7.41
C ILE A 996 13.58 19.43 7.05
N PRO A 997 14.24 20.44 7.64
CA PRO A 997 15.54 20.89 7.11
C PRO A 997 16.67 19.90 7.28
N TRP A 998 16.86 19.44 8.52
CA TRP A 998 18.02 18.61 8.84
C TRP A 998 17.87 17.20 8.31
N ARG A 999 16.64 16.83 7.92
CA ARG A 999 16.40 15.51 7.39
C ARG A 999 17.06 15.32 6.03
N ALA A 1000 17.23 16.38 5.25
CA ALA A 1000 17.97 16.26 3.99
C ALA A 1000 19.45 15.98 4.23
N CYS A 1001 20.01 16.54 5.28
CA CYS A 1001 21.36 16.18 5.71
C CYS A 1001 21.40 14.75 6.24
N THR A 1002 20.37 14.33 6.95
CA THR A 1002 20.26 12.93 7.34
C THR A 1002 20.12 12.02 6.13
N LYS A 1003 19.51 12.53 5.06
CA LYS A 1003 19.52 11.87 3.77
C LYS A 1003 20.90 11.98 3.16
N TYR A 1004 21.31 13.20 2.84
CA TYR A 1004 22.56 13.34 2.10
C TYR A 1004 23.75 13.33 3.04
N LEU A 1005 23.88 14.37 3.87
CA LEU A 1005 25.18 14.69 4.47
C LEU A 1005 25.62 13.66 5.49
N SER A 1006 24.70 12.87 6.02
CA SER A 1006 25.09 11.73 6.83
C SER A 1006 25.41 10.50 5.98
N SER A 1007 24.84 10.42 4.77
CA SER A 1007 24.85 9.17 4.02
C SER A 1007 25.27 9.27 2.56
N ALA A 1008 25.39 10.48 2.00
CA ALA A 1008 25.67 10.60 0.57
C ALA A 1008 27.08 10.14 0.22
N GLY A 1009 28.06 10.50 1.02
CA GLY A 1009 29.42 10.43 0.54
C GLY A 1009 29.76 11.68 -0.25
N ILE A 1010 30.89 12.28 0.11
CA ILE A 1010 31.11 13.69 -0.15
C ILE A 1010 31.43 13.94 -1.62
N LEU A 1011 32.24 13.08 -2.24
CA LEU A 1011 32.74 13.33 -3.58
C LEU A 1011 31.65 13.30 -4.64
N LEU A 1012 30.78 12.30 -4.57
CA LEU A 1012 29.62 12.26 -5.46
C LEU A 1012 28.60 13.35 -5.15
N LEU A 1013 28.43 13.71 -3.89
CA LEU A 1013 27.55 14.82 -3.56
C LEU A 1013 28.08 16.16 -4.07
N SER A 1014 29.39 16.32 -4.04
CA SER A 1014 30.03 17.47 -4.67
C SER A 1014 29.91 17.44 -6.18
N LEU A 1015 29.98 16.26 -6.79
CA LEU A 1015 29.71 16.16 -8.21
C LEU A 1015 28.26 16.51 -8.52
N LEU A 1016 27.35 16.11 -7.63
CA LEU A 1016 25.94 16.49 -7.74
C LEU A 1016 25.75 17.99 -7.63
N VAL A 1017 26.63 18.65 -6.89
CA VAL A 1017 26.59 20.10 -6.83
C VAL A 1017 27.11 20.69 -8.14
N PHE A 1018 28.36 20.36 -8.47
CA PHE A 1018 29.10 21.06 -9.51
C PHE A 1018 28.54 20.79 -10.90
N SER A 1019 28.14 19.55 -11.18
CA SER A 1019 27.60 19.26 -12.50
C SER A 1019 26.25 19.95 -12.73
N GLN A 1020 25.45 20.04 -11.67
CA GLN A 1020 24.22 20.83 -11.72
C GLN A 1020 24.52 22.30 -11.92
N LEU A 1021 25.60 22.79 -11.32
CA LEU A 1021 25.92 24.21 -11.44
C LEU A 1021 26.40 24.51 -12.85
N LEU A 1022 27.42 23.79 -13.28
CA LEU A 1022 28.13 24.15 -14.50
C LEU A 1022 27.34 23.79 -15.74
N LYS A 1023 26.32 22.93 -15.60
CA LYS A 1023 25.48 22.63 -16.77
C LYS A 1023 24.69 23.87 -17.15
N HIS A 1024 23.94 24.41 -16.20
CA HIS A 1024 23.05 25.50 -16.53
C HIS A 1024 23.83 26.78 -16.71
N MET A 1025 25.01 26.85 -16.07
CA MET A 1025 25.86 28.02 -16.19
C MET A 1025 26.48 28.13 -17.56
N VAL A 1026 26.48 27.05 -18.34
CA VAL A 1026 26.84 27.16 -19.74
C VAL A 1026 25.61 27.11 -20.63
N LEU A 1027 24.46 26.71 -20.08
CA LEU A 1027 23.27 26.54 -20.90
C LEU A 1027 22.68 27.89 -21.27
N VAL A 1028 22.40 28.68 -20.26
CA VAL A 1028 21.94 30.04 -20.54
C VAL A 1028 23.04 30.87 -21.18
N ALA A 1029 24.31 30.57 -20.89
CA ALA A 1029 25.39 31.26 -21.57
C ALA A 1029 25.45 30.91 -23.06
N ILE A 1030 25.05 29.68 -23.41
CA ILE A 1030 24.93 29.34 -24.82
C ILE A 1030 23.85 30.17 -25.45
N ASP A 1031 22.79 30.47 -24.69
CA ASP A 1031 21.82 31.39 -25.26
C ASP A 1031 22.36 32.82 -25.32
N TYR A 1032 23.23 33.17 -24.38
CA TYR A 1032 23.85 34.50 -24.38
C TYR A 1032 24.71 34.70 -25.61
N TRP A 1033 25.38 33.65 -26.07
CA TRP A 1033 26.06 33.74 -27.35
C TRP A 1033 25.05 33.82 -28.47
N LEU A 1034 23.93 33.11 -28.29
CA LEU A 1034 23.00 32.90 -29.40
C LEU A 1034 22.24 34.16 -29.72
N ALA A 1035 22.32 35.13 -28.85
CA ALA A 1035 21.84 36.46 -29.21
C ALA A 1035 22.91 37.22 -29.97
N LYS A 1036 24.06 37.43 -29.32
CA LYS A 1036 24.99 38.48 -29.76
C LYS A 1036 25.69 38.12 -31.05
N TRP A 1037 25.89 36.83 -31.31
CA TRP A 1037 26.46 36.46 -32.59
C TRP A 1037 25.50 36.78 -33.73
N THR A 1038 24.21 36.60 -33.50
CA THR A 1038 23.28 37.00 -34.53
C THR A 1038 23.08 38.50 -34.55
N ASP A 1039 23.40 39.18 -33.45
CA ASP A 1039 23.39 40.64 -33.49
C ASP A 1039 24.50 41.15 -34.39
N SER A 1040 25.60 40.42 -34.45
CA SER A 1040 26.64 40.71 -35.43
C SER A 1040 26.22 40.32 -36.84
N ALA A 1041 25.41 39.26 -36.96
CA ALA A 1041 24.80 38.97 -38.25
C ALA A 1041 23.79 40.04 -38.66
N LEU A 1042 23.15 40.67 -37.68
CA LEU A 1042 22.32 41.85 -37.92
C LEU A 1042 23.18 43.02 -38.34
N VAL A 1043 24.42 43.07 -37.90
CA VAL A 1043 25.35 44.05 -38.44
C VAL A 1043 25.81 43.61 -39.82
N LEU A 1044 26.40 42.42 -39.91
CA LEU A 1044 26.82 41.89 -41.20
C LEU A 1044 26.81 40.38 -41.21
N LEU A 1059 36.33 38.95 -35.19
CA LEU A 1059 36.72 37.97 -36.19
C LEU A 1059 35.50 37.43 -36.94
N ASP A 1060 35.70 36.31 -37.62
CA ASP A 1060 34.72 35.81 -38.58
C ASP A 1060 33.51 35.21 -37.88
N GLN A 1061 32.32 35.67 -38.30
CA GLN A 1061 31.09 35.20 -37.70
C GLN A 1061 30.83 33.73 -38.06
N SER A 1062 31.30 33.30 -39.23
CA SER A 1062 31.23 31.88 -39.55
C SER A 1062 32.23 31.12 -38.70
N VAL A 1063 33.34 31.76 -38.33
CA VAL A 1063 34.22 31.13 -37.35
C VAL A 1063 33.62 31.23 -35.96
N TYR A 1064 32.77 32.25 -35.71
CA TYR A 1064 32.11 32.35 -34.42
C TYR A 1064 31.10 31.23 -34.23
N ALA A 1065 30.54 30.76 -35.34
CA ALA A 1065 29.44 29.80 -35.25
C ALA A 1065 29.90 28.41 -34.86
N MET A 1066 31.01 27.93 -35.40
CA MET A 1066 31.48 26.60 -35.02
C MET A 1066 31.97 26.58 -33.58
N VAL A 1067 32.46 27.72 -33.10
CA VAL A 1067 32.73 27.91 -31.68
C VAL A 1067 31.45 27.76 -30.89
N PHE A 1068 30.38 28.40 -31.35
CA PHE A 1068 29.11 28.27 -30.67
C PHE A 1068 28.59 26.84 -30.75
N THR A 1069 28.88 26.17 -31.85
CA THR A 1069 28.43 24.81 -32.08
C THR A 1069 28.98 23.87 -31.02
N LEU A 1070 30.30 23.87 -30.88
CA LEU A 1070 30.93 23.06 -29.84
C LEU A 1070 30.60 23.57 -28.44
N LEU A 1071 30.32 24.87 -28.28
CA LEU A 1071 29.82 25.37 -27.01
C LEU A 1071 28.46 24.79 -26.68
N CYS A 1072 27.60 24.65 -27.69
CA CYS A 1072 26.34 23.97 -27.49
C CYS A 1072 26.55 22.48 -27.28
N SER A 1073 27.64 21.93 -27.82
CA SER A 1073 27.92 20.53 -27.62
C SER A 1073 28.41 20.26 -26.22
N LEU A 1074 28.87 21.31 -25.52
CA LEU A 1074 29.49 21.13 -24.22
C LEU A 1074 28.45 20.72 -23.18
N GLY A 1075 27.33 21.43 -23.13
CA GLY A 1075 26.22 21.00 -22.30
C GLY A 1075 25.60 19.70 -22.74
N ILE A 1076 25.63 19.42 -24.04
CA ILE A 1076 25.21 18.13 -24.56
C ILE A 1076 26.09 17.01 -24.03
N VAL A 1077 27.37 17.29 -23.85
CA VAL A 1077 28.24 16.35 -23.16
C VAL A 1077 27.90 16.29 -21.68
N LEU A 1078 27.64 17.45 -21.07
CA LEU A 1078 27.52 17.52 -19.62
C LEU A 1078 26.27 16.84 -19.12
N CYS A 1079 25.19 16.90 -19.92
CA CYS A 1079 23.88 16.48 -19.48
C CYS A 1079 23.83 15.00 -19.18
N LEU A 1080 24.65 14.21 -19.88
CA LEU A 1080 24.78 12.79 -19.56
C LEU A 1080 25.31 12.56 -18.15
N VAL A 1081 26.39 13.26 -17.79
CA VAL A 1081 26.90 13.16 -16.43
C VAL A 1081 25.94 13.75 -15.43
N THR A 1082 25.16 14.73 -15.85
CA THR A 1082 24.09 15.25 -15.00
C THR A 1082 23.03 14.21 -14.75
N SER A 1083 22.62 13.47 -15.77
CA SER A 1083 21.66 12.40 -15.53
C SER A 1083 22.29 11.26 -14.73
N VAL A 1084 23.58 11.02 -14.94
CA VAL A 1084 24.23 9.89 -14.27
C VAL A 1084 24.48 10.19 -12.81
N THR A 1085 24.40 11.46 -12.44
CA THR A 1085 24.74 11.87 -11.08
C THR A 1085 23.69 11.37 -10.11
N VAL A 1086 22.46 11.83 -10.28
CA VAL A 1086 21.45 11.56 -9.27
C VAL A 1086 21.05 10.10 -9.30
N GLU A 1087 21.02 9.52 -10.51
CA GLU A 1087 20.84 8.08 -10.67
C GLU A 1087 21.80 7.26 -9.83
N TRP A 1088 23.10 7.52 -9.97
CA TRP A 1088 24.08 6.79 -9.18
C TRP A 1088 24.01 7.20 -7.72
N THR A 1089 23.53 8.42 -7.47
CA THR A 1089 23.55 8.97 -6.13
C THR A 1089 22.49 8.28 -5.30
N GLY A 1090 21.25 8.31 -5.78
CA GLY A 1090 20.17 7.69 -5.06
C GLY A 1090 20.31 6.19 -4.99
N LEU A 1091 20.93 5.58 -6.00
CA LEU A 1091 21.31 4.17 -5.91
C LEU A 1091 22.23 3.90 -4.73
N LYS A 1092 23.24 4.74 -4.55
CA LYS A 1092 24.13 4.59 -3.40
C LYS A 1092 23.46 5.00 -2.11
N VAL A 1093 22.52 5.92 -2.17
CA VAL A 1093 21.87 6.40 -0.96
C VAL A 1093 20.96 5.33 -0.41
N ALA A 1094 20.14 4.74 -1.27
CA ALA A 1094 19.21 3.76 -0.77
C ALA A 1094 19.87 2.44 -0.44
N LYS A 1095 21.04 2.14 -1.05
CA LYS A 1095 21.71 0.89 -0.73
C LYS A 1095 22.18 0.88 0.72
N ARG A 1096 22.81 1.99 1.12
CA ARG A 1096 23.28 2.10 2.48
C ARG A 1096 22.14 2.38 3.44
N LEU A 1097 21.10 3.08 2.99
CA LEU A 1097 20.01 3.41 3.89
C LEU A 1097 19.24 2.16 4.29
N HIS A 1098 18.95 1.29 3.31
CA HIS A 1098 18.29 0.04 3.64
C HIS A 1098 19.21 -0.89 4.42
N ARG A 1099 20.52 -0.79 4.20
CA ARG A 1099 21.46 -1.56 5.00
C ARG A 1099 21.42 -1.11 6.45
N SER A 1100 21.30 0.20 6.63
CA SER A 1100 21.34 0.79 7.95
C SER A 1100 20.09 0.42 8.72
N LEU A 1101 18.93 0.54 8.07
CA LEU A 1101 17.68 0.22 8.78
C LEU A 1101 17.57 -1.27 9.08
N LEU A 1102 18.17 -2.12 8.23
CA LEU A 1102 18.28 -3.54 8.54
C LEU A 1102 19.09 -3.77 9.80
N ASN A 1103 20.26 -3.13 9.90
CA ASN A 1103 21.05 -3.35 11.09
C ASN A 1103 20.46 -2.64 12.29
N ARG A 1104 19.66 -1.60 12.05
CA ARG A 1104 19.10 -0.82 13.14
C ARG A 1104 18.05 -1.64 13.85
N ILE A 1105 17.20 -2.34 13.09
CA ILE A 1105 16.20 -3.17 13.74
C ILE A 1105 16.78 -4.50 14.16
N ILE A 1106 18.00 -4.83 13.71
CA ILE A 1106 18.53 -6.15 13.96
C ILE A 1106 18.93 -6.38 15.42
N LEU A 1107 19.15 -5.33 16.22
CA LEU A 1107 19.56 -5.50 17.61
C LEU A 1107 18.60 -4.87 18.62
N ALA A 1108 17.41 -4.59 18.24
CA ALA A 1108 16.54 -3.83 19.14
C ALA A 1108 15.83 -4.75 20.14
N PRO A 1109 15.53 -4.28 21.34
CA PRO A 1109 14.95 -5.17 22.36
C PRO A 1109 13.49 -5.48 22.13
N MET A 1110 13.10 -6.68 22.58
CA MET A 1110 11.77 -7.23 22.27
C MET A 1110 10.64 -6.49 22.98
N ARG A 1111 10.94 -5.87 24.13
CA ARG A 1111 9.95 -5.05 24.83
C ARG A 1111 9.44 -3.91 23.94
N PHE A 1112 10.33 -3.36 23.12
CA PHE A 1112 9.91 -2.42 22.10
C PHE A 1112 8.92 -3.05 21.14
N PHE A 1113 9.21 -4.26 20.68
CA PHE A 1113 8.42 -4.82 19.59
C PHE A 1113 7.05 -5.23 20.08
N GLU A 1114 6.97 -5.64 21.34
CA GLU A 1114 5.65 -5.80 21.95
C GLU A 1114 4.96 -4.45 22.06
N THR A 1115 5.72 -3.41 22.42
CA THR A 1115 5.13 -2.09 22.48
C THR A 1115 4.93 -1.47 21.10
N THR A 1116 5.69 -1.91 20.11
CA THR A 1116 5.51 -1.30 18.79
C THR A 1116 4.41 -2.01 18.02
N PRO A 1117 3.48 -1.28 17.44
CA PRO A 1117 2.58 -1.86 16.43
C PRO A 1117 3.40 -2.23 15.19
N LEU A 1118 3.40 -3.52 14.87
CA LEU A 1118 4.37 -4.10 13.94
C LEU A 1118 4.19 -3.53 12.54
N GLY A 1119 2.95 -3.22 12.17
CA GLY A 1119 2.70 -2.65 10.88
C GLY A 1119 3.28 -1.26 10.73
N SER A 1120 3.39 -0.51 11.83
CA SER A 1120 4.00 0.81 11.74
C SER A 1120 5.49 0.72 11.41
N ILE A 1121 6.14 -0.35 11.84
CA ILE A 1121 7.49 -0.68 11.38
C ILE A 1121 7.48 -1.04 9.90
N LEU A 1122 6.60 -1.96 9.52
CA LEU A 1122 6.63 -2.35 8.12
C LEU A 1122 6.11 -1.27 7.20
N ASN A 1123 5.37 -0.28 7.72
CA ASN A 1123 5.06 0.90 6.94
C ASN A 1123 6.32 1.68 6.61
N ARG A 1124 7.32 1.66 7.49
CA ARG A 1124 8.60 2.20 7.09
C ARG A 1124 9.35 1.28 6.15
N PHE A 1125 9.00 0.01 6.10
CA PHE A 1125 9.75 -0.84 5.18
C PHE A 1125 9.11 -1.01 3.82
N SER A 1126 7.81 -0.93 3.73
CA SER A 1126 7.10 -1.13 2.47
C SER A 1126 7.10 0.15 1.64
N SER A 1127 6.42 1.17 2.16
CA SER A 1127 6.21 2.38 1.41
C SER A 1127 7.47 3.23 1.37
N ASP A 1128 8.07 3.48 2.54
CA ASP A 1128 9.13 4.48 2.64
C ASP A 1128 10.39 4.04 1.90
N CYS A 1129 10.70 2.74 1.96
CA CYS A 1129 11.80 2.18 1.19
C CYS A 1129 11.57 2.32 -0.30
N ASN A 1130 10.39 1.95 -0.78
CA ASN A 1130 10.07 2.10 -2.20
C ASN A 1130 10.03 3.56 -2.62
N THR A 1131 9.67 4.45 -1.70
CA THR A 1131 9.79 5.88 -1.96
C THR A 1131 11.24 6.28 -2.15
N ILE A 1132 12.10 5.90 -1.21
CA ILE A 1132 13.51 6.25 -1.27
C ILE A 1132 14.23 5.58 -2.41
N ASP A 1133 13.71 4.47 -2.92
CA ASP A 1133 14.36 3.79 -4.03
C ASP A 1133 13.81 4.22 -5.37
N GLN A 1134 12.53 4.00 -5.60
CA GLN A 1134 12.02 4.10 -6.97
C GLN A 1134 11.80 5.54 -7.38
N HIS A 1135 11.32 6.38 -6.47
CA HIS A 1135 10.95 7.71 -6.92
C HIS A 1135 11.30 8.82 -5.95
N ILE A 1136 12.29 8.62 -5.09
CA ILE A 1136 12.87 9.77 -4.40
C ILE A 1136 13.66 10.61 -5.39
N PRO A 1137 14.75 10.13 -6.02
CA PRO A 1137 15.72 11.11 -6.53
C PRO A 1137 15.33 11.77 -7.82
N SER A 1138 14.36 11.23 -8.55
CA SER A 1138 13.92 11.89 -9.77
C SER A 1138 13.27 13.22 -9.46
N THR A 1139 12.63 13.31 -8.31
CA THR A 1139 12.17 14.58 -7.76
C THR A 1139 13.31 15.55 -7.60
N LEU A 1140 14.39 15.11 -6.95
CA LEU A 1140 15.58 15.93 -6.81
C LEU A 1140 16.18 16.33 -8.15
N GLU A 1141 16.32 15.39 -9.07
CA GLU A 1141 16.93 15.69 -10.36
C GLU A 1141 16.10 16.65 -11.18
N CYS A 1142 14.78 16.54 -11.07
CA CYS A 1142 13.89 17.57 -11.57
C CYS A 1142 14.12 18.90 -10.86
N LEU A 1143 14.19 18.88 -9.53
CA LEU A 1143 14.17 20.12 -8.78
C LEU A 1143 15.47 20.87 -8.96
N SER A 1144 16.57 20.14 -8.97
CA SER A 1144 17.88 20.69 -9.26
C SER A 1144 17.98 21.14 -10.69
N ARG A 1145 17.26 20.51 -11.62
CA ARG A 1145 17.17 21.12 -12.93
C ARG A 1145 16.29 22.37 -12.91
N SER A 1146 15.29 22.38 -12.05
CA SER A 1146 14.27 23.41 -12.07
C SER A 1146 14.80 24.72 -11.53
N THR A 1147 15.16 24.70 -10.25
CA THR A 1147 15.19 25.91 -9.46
C THR A 1147 16.38 26.75 -9.86
N LEU A 1148 17.42 26.10 -10.37
CA LEU A 1148 18.54 26.84 -10.91
C LEU A 1148 18.10 27.67 -12.09
N LEU A 1149 17.28 27.10 -12.97
CA LEU A 1149 16.80 27.84 -14.12
C LEU A 1149 15.85 28.95 -13.72
N CYS A 1150 15.09 28.71 -12.64
CA CYS A 1150 14.30 29.77 -12.04
C CYS A 1150 15.16 30.93 -11.55
N VAL A 1151 16.28 30.63 -10.90
CA VAL A 1151 17.20 31.68 -10.51
C VAL A 1151 17.84 32.30 -11.74
N SER A 1152 18.14 31.46 -12.73
CA SER A 1152 19.01 31.81 -13.82
C SER A 1152 18.36 32.80 -14.76
N ALA A 1153 17.09 32.57 -15.09
CA ALA A 1153 16.42 33.47 -16.02
C ALA A 1153 16.22 34.85 -15.42
N LEU A 1154 15.96 34.89 -14.11
CA LEU A 1154 16.00 36.16 -13.40
C LEU A 1154 17.38 36.78 -13.44
N THR A 1155 18.42 35.98 -13.25
CA THR A 1155 19.79 36.48 -13.28
C THR A 1155 20.15 37.04 -14.65
N VAL A 1156 19.61 36.44 -15.69
CA VAL A 1156 19.76 36.96 -17.04
C VAL A 1156 19.06 38.29 -17.16
N ILE A 1157 17.80 38.35 -16.77
CA ILE A 1157 17.04 39.54 -17.04
C ILE A 1157 17.48 40.68 -16.13
N SER A 1158 18.06 40.34 -14.99
CA SER A 1158 18.78 41.30 -14.17
C SER A 1158 19.96 41.89 -14.93
N TYR A 1159 20.80 41.01 -15.51
CA TYR A 1159 21.97 41.50 -16.23
C TYR A 1159 21.57 42.32 -17.45
N VAL A 1160 20.41 42.02 -18.03
CA VAL A 1160 19.91 42.81 -19.15
C VAL A 1160 19.55 44.22 -18.67
N THR A 1161 18.62 44.32 -17.74
CA THR A 1161 18.22 45.62 -17.24
C THR A 1161 18.57 45.76 -15.78
N PRO A 1162 19.50 46.66 -15.42
CA PRO A 1162 19.94 46.75 -14.03
C PRO A 1162 18.90 47.32 -13.08
N VAL A 1163 17.77 47.79 -13.57
CA VAL A 1163 16.66 48.20 -12.72
C VAL A 1163 15.50 47.21 -12.82
N PHE A 1164 15.78 45.99 -13.23
CA PHE A 1164 14.75 44.96 -13.18
C PHE A 1164 14.40 44.62 -11.74
N LEU A 1165 15.42 44.30 -10.94
CA LEU A 1165 15.25 43.75 -9.60
C LEU A 1165 14.48 44.67 -8.66
N VAL A 1166 14.40 45.97 -9.00
CA VAL A 1166 13.63 46.91 -8.21
C VAL A 1166 12.14 46.59 -8.30
N ALA A 1167 11.72 45.95 -9.38
CA ALA A 1167 10.36 45.44 -9.46
C ALA A 1167 10.26 44.00 -8.98
N LEU A 1168 11.34 43.24 -9.11
CA LEU A 1168 11.37 41.86 -8.66
C LEU A 1168 11.17 41.75 -7.17
N LEU A 1169 11.74 42.69 -6.44
CA LEU A 1169 11.76 42.62 -4.99
C LEU A 1169 10.34 42.73 -4.40
N PRO A 1170 9.43 43.60 -4.86
CA PRO A 1170 8.04 43.41 -4.43
C PRO A 1170 7.40 42.20 -5.04
N LEU A 1171 7.87 41.77 -6.20
CA LEU A 1171 7.27 40.65 -6.90
C LEU A 1171 7.55 39.33 -6.19
N ALA A 1172 8.84 39.06 -5.95
CA ALA A 1172 9.22 37.77 -5.39
C ALA A 1172 8.74 37.61 -3.96
N VAL A 1173 8.42 38.72 -3.29
CA VAL A 1173 7.61 38.69 -2.07
C VAL A 1173 6.33 37.90 -2.30
N VAL A 1174 5.61 38.25 -3.35
CA VAL A 1174 4.30 37.66 -3.58
C VAL A 1174 4.44 36.21 -3.99
N CYS A 1175 5.41 35.94 -4.86
CA CYS A 1175 5.82 34.57 -5.18
C CYS A 1175 6.12 33.73 -3.94
N TYR A 1176 6.78 34.34 -2.97
CA TYR A 1176 7.12 33.61 -1.77
C TYR A 1176 5.92 33.45 -0.87
N PHE A 1177 5.12 34.49 -0.70
CA PHE A 1177 4.08 34.40 0.31
C PHE A 1177 2.95 33.51 -0.17
N ILE A 1178 2.74 33.44 -1.48
CA ILE A 1178 1.83 32.43 -2.03
C ILE A 1178 2.39 31.05 -1.82
N GLN A 1179 3.69 30.87 -2.06
CA GLN A 1179 4.27 29.57 -1.81
C GLN A 1179 4.23 29.21 -0.33
N LYS A 1180 4.42 30.21 0.53
CA LYS A 1180 4.48 30.00 1.97
C LYS A 1180 3.12 29.62 2.51
N TYR A 1181 2.05 30.17 1.96
CA TYR A 1181 0.76 29.61 2.32
C TYR A 1181 0.57 28.25 1.71
N PHE A 1182 1.14 28.04 0.52
CA PHE A 1182 0.75 26.90 -0.27
C PHE A 1182 1.25 25.60 0.31
N ARG A 1183 2.48 25.62 0.85
CA ARG A 1183 3.08 24.42 1.42
C ARG A 1183 2.24 23.82 2.53
N VAL A 1184 1.48 24.64 3.24
CA VAL A 1184 0.55 24.13 4.22
C VAL A 1184 -0.51 23.28 3.55
N ALA A 1185 -1.18 23.87 2.58
CA ALA A 1185 -2.41 23.30 2.05
C ALA A 1185 -2.11 22.03 1.27
N SER A 1186 -1.11 22.10 0.40
CA SER A 1186 -0.91 20.97 -0.48
C SER A 1186 -0.44 19.74 0.28
N ARG A 1187 0.32 19.95 1.37
CA ARG A 1187 0.58 18.88 2.33
C ARG A 1187 -0.71 18.29 2.84
N ASP A 1188 -1.59 19.15 3.36
CA ASP A 1188 -2.69 18.59 4.13
C ASP A 1188 -3.71 17.91 3.24
N LEU A 1189 -3.80 18.38 2.01
CA LEU A 1189 -4.53 17.64 1.00
C LEU A 1189 -3.84 16.33 0.66
N GLN A 1190 -2.53 16.33 0.64
CA GLN A 1190 -1.87 15.15 0.11
C GLN A 1190 -1.94 14.01 1.13
N GLN A 1191 -1.67 14.32 2.41
CA GLN A 1191 -1.87 13.30 3.43
C GLN A 1191 -3.34 12.97 3.60
N LEU A 1192 -4.23 13.89 3.25
CA LEU A 1192 -5.65 13.57 3.30
C LEU A 1192 -5.97 12.49 2.30
N ASP A 1193 -5.52 12.69 1.06
CA ASP A 1193 -5.60 11.70 -0.02
C ASP A 1193 -5.08 10.34 0.42
N ASP A 1194 -3.92 10.35 1.09
CA ASP A 1194 -3.29 9.10 1.53
C ASP A 1194 -4.18 8.35 2.52
N THR A 1195 -4.89 9.07 3.36
CA THR A 1195 -5.84 8.52 4.30
C THR A 1195 -7.21 8.29 3.69
N THR A 1196 -7.36 8.35 2.38
CA THR A 1196 -8.72 8.35 1.87
C THR A 1196 -9.07 7.17 0.98
N GLN A 1197 -8.31 6.88 -0.07
CA GLN A 1197 -8.70 5.79 -0.94
C GLN A 1197 -8.35 4.41 -0.37
N LEU A 1198 -7.59 4.38 0.72
CA LEU A 1198 -7.28 3.10 1.35
C LEU A 1198 -8.50 2.48 2.00
N PRO A 1199 -9.32 3.18 2.82
CA PRO A 1199 -10.53 2.50 3.28
C PRO A 1199 -11.54 2.30 2.17
N LEU A 1200 -11.39 3.02 1.07
CA LEU A 1200 -12.26 2.83 -0.07
C LEU A 1200 -12.08 1.45 -0.65
N VAL A 1201 -10.84 1.06 -0.94
CA VAL A 1201 -10.67 -0.30 -1.43
C VAL A 1201 -10.77 -1.32 -0.31
N SER A 1202 -10.64 -0.88 0.94
CA SER A 1202 -10.87 -1.81 2.04
C SER A 1202 -12.32 -2.21 2.11
N HIS A 1203 -13.21 -1.29 1.74
CA HIS A 1203 -14.62 -1.62 1.63
C HIS A 1203 -14.83 -2.68 0.54
N PHE A 1204 -14.02 -2.61 -0.52
CA PHE A 1204 -14.15 -3.58 -1.59
C PHE A 1204 -13.75 -4.96 -1.12
N ALA A 1205 -12.68 -5.03 -0.35
CA ALA A 1205 -12.15 -6.35 0.01
C ALA A 1205 -13.11 -7.10 0.91
N GLU A 1206 -13.71 -6.40 1.88
CA GLU A 1206 -14.76 -6.99 2.69
C GLU A 1206 -16.01 -7.29 1.87
N THR A 1207 -16.30 -6.45 0.88
CA THR A 1207 -17.39 -6.71 -0.04
C THR A 1207 -17.16 -7.96 -0.86
N VAL A 1208 -15.92 -8.23 -1.19
CA VAL A 1208 -15.57 -9.49 -1.85
C VAL A 1208 -15.76 -10.65 -0.88
N GLU A 1209 -15.07 -10.60 0.25
CA GLU A 1209 -14.98 -11.78 1.10
C GLU A 1209 -16.30 -12.09 1.77
N GLY A 1210 -16.83 -11.15 2.54
CA GLY A 1210 -18.15 -11.39 3.10
C GLY A 1210 -19.27 -11.05 2.14
N LEU A 1211 -19.17 -11.50 0.88
CA LEU A 1211 -20.22 -11.23 -0.08
C LEU A 1211 -21.52 -11.90 0.31
N THR A 1212 -21.42 -13.21 0.59
CA THR A 1212 -22.58 -14.05 0.85
C THR A 1212 -23.40 -13.54 2.00
N THR A 1213 -22.72 -13.06 3.04
CA THR A 1213 -23.43 -12.73 4.27
C THR A 1213 -24.22 -11.44 4.12
N ILE A 1214 -23.67 -10.45 3.41
CA ILE A 1214 -24.42 -9.24 3.11
C ILE A 1214 -25.56 -9.54 2.15
N ARG A 1215 -25.34 -10.44 1.19
CA ARG A 1215 -26.44 -10.91 0.38
C ARG A 1215 -27.50 -11.62 1.20
N ALA A 1216 -27.09 -12.29 2.27
CA ALA A 1216 -28.04 -12.91 3.17
C ALA A 1216 -28.82 -11.87 3.93
N PHE A 1217 -28.15 -10.86 4.48
CA PHE A 1217 -28.89 -9.81 5.16
C PHE A 1217 -29.65 -8.89 4.21
N ARG A 1218 -29.42 -9.05 2.90
CA ARG A 1218 -29.92 -8.13 1.88
C ARG A 1218 -29.49 -6.70 2.18
N TYR A 1219 -28.24 -6.55 2.59
CA TYR A 1219 -27.71 -5.27 3.04
C TYR A 1219 -26.97 -4.53 1.94
N GLU A 1220 -27.32 -4.79 0.68
CA GLU A 1220 -26.74 -4.00 -0.40
C GLU A 1220 -27.14 -2.53 -0.31
N ALA A 1221 -28.34 -2.22 0.16
CA ALA A 1221 -28.76 -0.82 0.22
C ALA A 1221 -27.96 -0.03 1.25
N ARG A 1222 -27.73 -0.64 2.42
CA ARG A 1222 -26.74 -0.15 3.37
C ARG A 1222 -25.36 -0.03 2.76
N PHE A 1223 -24.89 -1.06 2.09
CA PHE A 1223 -23.50 -0.96 1.74
C PHE A 1223 -23.27 -0.21 0.44
N GLN A 1224 -24.25 -0.07 -0.43
CA GLN A 1224 -24.12 0.88 -1.52
C GLN A 1224 -24.09 2.31 -1.00
N GLN A 1225 -24.89 2.58 0.03
CA GLN A 1225 -24.77 3.86 0.71
C GLN A 1225 -23.38 4.06 1.28
N LYS A 1226 -22.89 3.08 2.04
CA LYS A 1226 -21.60 3.22 2.66
C LYS A 1226 -20.45 3.06 1.67
N LEU A 1227 -20.74 2.55 0.48
CA LEU A 1227 -19.84 2.69 -0.65
C LEU A 1227 -19.66 4.14 -1.02
N LEU A 1228 -20.79 4.83 -1.25
CA LEU A 1228 -20.73 6.25 -1.57
C LEU A 1228 -20.01 7.01 -0.48
N GLU A 1229 -20.29 6.68 0.77
CA GLU A 1229 -19.77 7.38 1.94
C GLU A 1229 -18.25 7.45 1.99
N TYR A 1230 -17.58 6.52 1.34
CA TYR A 1230 -16.17 6.70 1.07
C TYR A 1230 -15.92 7.32 -0.29
N THR A 1231 -16.72 6.94 -1.30
CA THR A 1231 -16.43 7.29 -2.68
C THR A 1231 -16.49 8.78 -2.92
N ASP A 1232 -17.50 9.39 -2.32
CA ASP A 1232 -17.57 10.82 -2.10
C ASP A 1232 -16.28 11.37 -1.55
N SER A 1233 -15.86 10.88 -0.40
CA SER A 1233 -14.76 11.53 0.31
C SER A 1233 -13.44 11.39 -0.43
N ASN A 1234 -13.34 10.35 -1.25
CA ASN A 1234 -12.27 10.28 -2.25
C ASN A 1234 -12.40 11.42 -3.23
N ASN A 1235 -13.60 11.60 -3.76
CA ASN A 1235 -13.70 12.48 -4.92
C ASN A 1235 -13.57 13.93 -4.49
N ILE A 1236 -14.21 14.30 -3.40
CA ILE A 1236 -14.11 15.65 -2.86
C ILE A 1236 -12.69 15.96 -2.39
N ALA A 1237 -11.96 14.96 -1.87
CA ALA A 1237 -10.56 15.20 -1.58
C ALA A 1237 -9.76 15.38 -2.85
N SER A 1238 -10.05 14.57 -3.86
CA SER A 1238 -9.38 14.69 -5.14
C SER A 1238 -9.66 16.03 -5.78
N LEU A 1239 -10.86 16.54 -5.58
CA LEU A 1239 -11.20 17.87 -6.04
C LEU A 1239 -10.36 18.93 -5.36
N PHE A 1240 -10.32 18.94 -4.03
CA PHE A 1240 -9.55 20.03 -3.41
C PHE A 1240 -8.06 19.91 -3.62
N LEU A 1241 -7.57 18.68 -3.81
CA LEU A 1241 -6.22 18.48 -4.33
C LEU A 1241 -6.06 19.12 -5.69
N THR A 1242 -6.94 18.79 -6.62
CA THR A 1242 -6.68 19.30 -7.94
C THR A 1242 -7.11 20.74 -8.07
N ALA A 1243 -7.79 21.23 -7.06
CA ALA A 1243 -8.08 22.65 -6.95
C ALA A 1243 -6.81 23.41 -6.68
N ALA A 1244 -6.15 23.12 -5.57
CA ALA A 1244 -4.99 23.94 -5.29
C ALA A 1244 -3.82 23.61 -6.21
N ASN A 1245 -3.84 22.41 -6.81
CA ASN A 1245 -3.07 22.06 -8.00
C ASN A 1245 -3.30 23.07 -9.11
N ARG A 1246 -4.49 23.64 -9.21
CA ARG A 1246 -4.59 24.68 -10.21
C ARG A 1246 -4.25 26.05 -9.63
N TRP A 1247 -4.85 26.35 -8.47
CA TRP A 1247 -4.91 27.72 -7.97
C TRP A 1247 -3.53 28.29 -7.77
N LEU A 1248 -2.63 27.43 -7.26
CA LEU A 1248 -1.25 27.81 -7.04
C LEU A 1248 -0.63 28.34 -8.30
N GLU A 1249 -0.64 27.54 -9.33
CA GLU A 1249 0.19 27.86 -10.46
C GLU A 1249 -0.44 28.97 -11.26
N VAL A 1250 -1.77 29.02 -11.34
CA VAL A 1250 -2.36 30.13 -12.06
C VAL A 1250 -2.11 31.47 -11.36
N CYS A 1251 -2.16 31.48 -10.02
CA CYS A 1251 -1.75 32.70 -9.34
C CYS A 1251 -0.27 32.97 -9.45
N MET A 1252 0.55 31.93 -9.55
CA MET A 1252 1.97 32.18 -9.75
C MET A 1252 2.25 32.52 -11.19
N GLU A 1253 1.32 32.19 -12.05
CA GLU A 1253 1.51 32.32 -13.47
C GLU A 1253 1.28 33.75 -13.91
N TYR A 1254 0.21 34.37 -13.38
CA TYR A 1254 0.05 35.80 -13.58
C TYR A 1254 1.24 36.61 -13.09
N ILE A 1255 1.80 36.21 -11.96
CA ILE A 1255 3.05 36.76 -11.45
C ILE A 1255 4.18 36.64 -12.45
N GLY A 1256 4.30 35.47 -13.04
CA GLY A 1256 5.27 35.31 -14.11
C GLY A 1256 4.95 36.17 -15.31
N ALA A 1257 3.69 36.32 -15.65
CA ALA A 1257 3.34 37.22 -16.73
C ALA A 1257 3.65 38.68 -16.40
N CYS A 1258 3.54 39.06 -15.13
CA CYS A 1258 3.90 40.42 -14.73
C CYS A 1258 5.38 40.67 -14.91
N VAL A 1259 6.18 39.61 -14.73
CA VAL A 1259 7.61 39.69 -15.01
C VAL A 1259 7.81 40.07 -16.46
N VAL A 1260 7.00 39.50 -17.35
CA VAL A 1260 7.23 39.56 -18.79
C VAL A 1260 7.14 40.99 -19.27
N LEU A 1261 5.97 41.59 -19.03
CA LEU A 1261 5.71 42.99 -19.30
C LEU A 1261 6.74 43.92 -18.68
N ILE A 1262 7.10 43.69 -17.41
CA ILE A 1262 8.09 44.56 -16.79
C ILE A 1262 9.45 44.42 -17.45
N ALA A 1263 9.85 43.19 -17.77
CA ALA A 1263 11.10 42.97 -18.46
C ALA A 1263 11.07 43.52 -19.88
N ALA A 1264 9.88 43.61 -20.46
CA ALA A 1264 9.78 44.18 -21.79
C ALA A 1264 9.99 45.68 -21.71
N ALA A 1265 9.32 46.32 -20.75
CA ALA A 1265 9.27 47.77 -20.74
C ALA A 1265 10.61 48.34 -20.35
N THR A 1266 11.24 47.75 -19.34
CA THR A 1266 12.67 47.95 -19.11
C THR A 1266 13.47 47.72 -20.38
N SER A 1267 13.18 46.64 -21.09
CA SER A 1267 13.98 46.26 -22.23
C SER A 1267 13.76 47.14 -23.45
N ILE A 1268 12.85 48.10 -23.38
CA ILE A 1268 12.71 49.03 -24.50
C ILE A 1268 13.92 49.95 -24.58
N SER A 1269 14.58 50.19 -23.45
CA SER A 1269 15.66 51.16 -23.41
C SER A 1269 16.99 50.61 -23.92
N ASN A 1270 17.05 49.37 -24.39
CA ASN A 1270 18.27 48.91 -25.04
C ASN A 1270 18.51 49.63 -26.34
N SER A 1271 17.44 50.10 -26.99
CA SER A 1271 17.57 51.13 -28.01
C SER A 1271 18.24 52.37 -27.44
N LEU A 1272 17.78 52.81 -26.28
CA LEU A 1272 18.25 54.04 -25.69
C LEU A 1272 19.61 53.82 -25.02
N SER A 1277 23.16 44.97 -27.60
CA SER A 1277 22.03 45.73 -27.11
C SER A 1277 20.72 45.06 -27.47
N ALA A 1278 20.38 45.18 -28.75
CA ALA A 1278 19.09 44.70 -29.23
C ALA A 1278 19.02 43.18 -29.24
N GLY A 1279 20.15 42.50 -29.44
CA GLY A 1279 20.17 41.07 -29.24
C GLY A 1279 19.94 40.71 -27.78
N LEU A 1280 20.48 41.52 -26.89
CA LEU A 1280 20.44 41.24 -25.46
C LEU A 1280 19.04 41.43 -24.90
N VAL A 1281 18.16 42.09 -25.63
CA VAL A 1281 16.74 41.98 -25.41
C VAL A 1281 16.28 40.52 -25.50
N GLY A 1282 16.76 39.81 -26.52
CA GLY A 1282 16.14 38.55 -26.90
C GLY A 1282 16.27 37.48 -25.86
N LEU A 1283 17.27 37.60 -24.98
CA LEU A 1283 17.31 36.73 -23.82
C LEU A 1283 16.22 37.08 -22.85
N GLY A 1284 15.88 38.37 -22.82
CA GLY A 1284 14.86 38.82 -21.92
C GLY A 1284 13.53 38.21 -22.31
N LEU A 1285 13.17 38.40 -23.57
CA LEU A 1285 11.91 37.83 -24.07
C LEU A 1285 11.87 36.31 -24.00
N THR A 1286 12.98 35.65 -24.33
CA THR A 1286 12.96 34.20 -24.30
C THR A 1286 12.96 33.62 -22.90
N TYR A 1287 13.23 34.43 -21.88
CA TYR A 1287 13.15 33.85 -20.56
C TYR A 1287 11.93 34.36 -19.83
N ALA A 1288 11.44 35.51 -20.24
CA ALA A 1288 10.16 36.00 -19.79
C ALA A 1288 9.09 34.99 -20.12
N LEU A 1289 9.09 34.48 -21.34
CA LEU A 1289 8.05 33.52 -21.60
C LEU A 1289 8.37 32.16 -21.00
N MET A 1290 9.62 31.91 -20.66
CA MET A 1290 10.02 30.63 -20.13
C MET A 1290 10.06 30.59 -18.62
N VAL A 1291 9.49 31.59 -17.96
CA VAL A 1291 9.42 31.52 -16.51
C VAL A 1291 8.38 30.48 -16.08
N SER A 1292 7.41 30.20 -16.95
CA SER A 1292 6.15 29.66 -16.50
C SER A 1292 6.29 28.20 -16.12
N ASN A 1293 6.79 27.39 -17.04
CA ASN A 1293 7.04 25.98 -16.78
C ASN A 1293 8.01 25.79 -15.62
N TYR A 1294 8.93 26.74 -15.46
CA TYR A 1294 9.79 26.76 -14.29
C TYR A 1294 8.95 26.88 -13.03
N LEU A 1295 8.26 27.98 -12.81
CA LEU A 1295 7.55 28.10 -11.53
C LEU A 1295 6.35 27.18 -11.41
N ASN A 1296 5.86 26.64 -12.53
CA ASN A 1296 5.03 25.45 -12.54
C ASN A 1296 5.69 24.33 -11.76
N TRP A 1297 6.88 23.93 -12.15
CA TRP A 1297 7.46 22.78 -11.47
C TRP A 1297 8.20 23.18 -10.20
N MET A 1298 8.85 24.34 -10.21
CA MET A 1298 9.75 24.79 -9.16
C MET A 1298 9.09 24.95 -7.81
N VAL A 1299 7.77 25.09 -7.77
CA VAL A 1299 7.06 25.09 -6.52
C VAL A 1299 6.45 23.73 -6.22
N ARG A 1300 5.82 23.14 -7.23
CA ARG A 1300 5.07 21.91 -7.02
C ARG A 1300 5.97 20.77 -6.61
N ASN A 1301 7.15 20.71 -7.18
CA ASN A 1301 8.09 19.70 -6.77
C ASN A 1301 8.62 19.99 -5.39
N LEU A 1302 8.84 21.27 -5.07
CA LEU A 1302 9.22 21.62 -3.71
C LEU A 1302 8.14 21.27 -2.72
N ALA A 1303 6.89 21.27 -3.14
CA ALA A 1303 5.83 20.71 -2.33
C ALA A 1303 5.99 19.20 -2.18
N ASP A 1304 6.25 18.53 -3.27
CA ASP A 1304 6.21 17.08 -3.16
C ASP A 1304 7.50 16.49 -2.61
N MET A 1305 8.55 17.30 -2.57
CA MET A 1305 9.75 16.94 -1.83
C MET A 1305 9.43 16.79 -0.36
N GLU A 1306 8.53 17.62 0.16
CA GLU A 1306 8.16 17.52 1.55
C GLU A 1306 7.46 16.20 1.86
N ILE A 1307 6.61 15.75 0.94
CA ILE A 1307 6.03 14.42 1.06
C ILE A 1307 7.10 13.35 0.92
N GLN A 1308 8.02 13.51 -0.04
CA GLN A 1308 9.10 12.54 -0.20
C GLN A 1308 10.02 12.52 1.01
N LEU A 1309 10.15 13.65 1.70
CA LEU A 1309 10.93 13.68 2.94
C LEU A 1309 10.16 13.02 4.06
N GLY A 1310 8.83 12.97 3.97
CA GLY A 1310 8.09 12.34 5.04
C GLY A 1310 8.34 10.84 5.15
N ALA A 1311 8.80 10.21 4.07
CA ALA A 1311 9.24 8.84 4.18
C ALA A 1311 10.53 8.76 4.96
N VAL A 1312 11.46 9.68 4.70
CA VAL A 1312 12.78 9.59 5.29
C VAL A 1312 12.81 10.26 6.64
N LYS A 1313 11.66 10.75 7.10
CA LYS A 1313 11.45 11.01 8.51
C LYS A 1313 11.66 9.75 9.34
N ARG A 1314 11.36 8.59 8.77
CA ARG A 1314 11.49 7.32 9.47
C ARG A 1314 12.93 6.91 9.77
N ILE A 1315 13.93 7.72 9.37
CA ILE A 1315 15.28 7.61 9.90
C ILE A 1315 15.26 7.62 11.42
N HIS A 1316 14.57 8.63 12.00
CA HIS A 1316 14.49 8.74 13.44
C HIS A 1316 13.72 7.58 14.06
N ALA A 1317 12.72 7.07 13.34
CA ALA A 1317 12.07 5.84 13.77
C ALA A 1317 13.01 4.66 13.70
N LEU A 1318 14.01 4.72 12.83
CA LEU A 1318 14.99 3.66 12.75
C LEU A 1318 16.22 3.94 13.61
N LEU A 1319 16.91 5.04 13.33
CA LEU A 1319 18.25 5.23 13.89
C LEU A 1319 18.21 5.60 15.36
N LYS A 1320 17.41 6.62 15.71
CA LYS A 1320 17.29 7.07 17.09
C LYS A 1320 16.82 5.98 18.03
N THR A 1321 15.88 5.17 17.56
CA THR A 1321 15.50 3.97 18.29
C THR A 1321 16.60 2.92 18.15
N GLU A 1322 17.48 2.86 19.13
CA GLU A 1322 18.58 1.89 19.12
C GLU A 1322 18.95 1.56 20.55
N ALA A 1323 18.92 0.28 20.90
CA ALA A 1323 19.27 -0.15 22.24
C ALA A 1323 19.75 -1.59 22.20
N GLU A 1324 20.01 -2.15 23.39
CA GLU A 1324 20.18 -3.58 23.65
C GLU A 1324 21.36 -4.17 22.86
N SER A 1325 22.56 -3.73 23.25
CA SER A 1325 23.76 -4.44 22.83
C SER A 1325 23.73 -5.86 23.37
N TYR A 1326 23.54 -6.84 22.49
CA TYR A 1326 23.23 -8.20 22.92
C TYR A 1326 24.42 -8.88 23.56
N GLU A 1327 25.48 -9.09 22.79
CA GLU A 1327 26.72 -9.61 23.32
C GLU A 1327 27.64 -8.45 23.68
N GLY A 1328 28.90 -8.75 23.93
CA GLY A 1328 29.92 -7.74 24.10
C GLY A 1328 30.19 -7.35 25.53
N LEU A 1329 29.29 -7.66 26.45
CA LEU A 1329 29.53 -7.36 27.85
C LEU A 1329 30.61 -8.28 28.42
N LEU A 1330 30.33 -9.59 28.41
CA LEU A 1330 31.31 -10.68 28.35
C LEU A 1330 32.39 -10.60 29.44
N ALA A 1331 31.95 -10.81 30.68
CA ALA A 1331 32.89 -10.87 31.78
C ALA A 1331 33.92 -12.00 31.64
N PRO A 1332 33.62 -13.18 31.08
CA PRO A 1332 34.72 -13.96 30.51
C PRO A 1332 34.86 -13.70 29.02
N SER A 1333 36.05 -13.91 28.50
CA SER A 1333 36.23 -14.13 27.09
C SER A 1333 36.27 -15.61 26.75
N LEU A 1334 36.60 -16.46 27.72
CA LEU A 1334 36.70 -17.90 27.56
C LEU A 1334 35.66 -18.54 28.47
N ILE A 1335 34.66 -19.19 27.88
CA ILE A 1335 33.60 -19.82 28.66
C ILE A 1335 32.96 -20.94 27.85
N PRO A 1336 33.47 -22.16 27.95
CA PRO A 1336 32.82 -23.31 27.30
C PRO A 1336 31.61 -23.85 28.03
N LYS A 1337 31.16 -23.18 29.09
CA LYS A 1337 29.87 -23.47 29.70
C LYS A 1337 28.75 -22.65 29.06
N ASN A 1338 28.72 -22.67 27.73
CA ASN A 1338 27.54 -22.33 26.96
C ASN A 1338 26.79 -23.59 26.57
N TRP A 1339 27.43 -24.74 26.78
CA TRP A 1339 27.02 -26.14 26.65
C TRP A 1339 26.06 -26.69 27.73
N PRO A 1340 25.97 -26.06 28.95
CA PRO A 1340 26.15 -26.81 30.21
C PRO A 1340 25.58 -28.21 30.32
N ASP A 1341 26.40 -29.12 30.84
CA ASP A 1341 25.98 -30.44 31.28
C ASP A 1341 25.46 -30.45 32.71
N GLN A 1342 25.25 -29.29 33.30
CA GLN A 1342 24.77 -29.18 34.68
C GLN A 1342 23.53 -28.28 34.68
N GLY A 1343 22.37 -28.89 34.91
CA GLY A 1343 21.12 -28.14 34.90
C GLY A 1343 20.78 -27.51 36.22
N LYS A 1344 21.79 -27.03 36.93
CA LYS A 1344 21.60 -26.32 38.20
C LYS A 1344 21.69 -24.84 37.90
N ILE A 1345 20.57 -24.27 37.47
CA ILE A 1345 20.45 -22.83 37.35
C ILE A 1345 20.26 -22.25 38.74
N GLN A 1346 20.40 -20.94 38.87
CA GLN A 1346 20.23 -20.30 40.16
C GLN A 1346 19.60 -18.93 39.96
N ILE A 1347 18.79 -18.53 40.92
CA ILE A 1347 18.08 -17.26 40.87
C ILE A 1347 18.57 -16.48 42.10
N GLN A 1348 19.62 -15.70 41.92
CA GLN A 1348 20.37 -15.13 43.05
C GLN A 1348 19.68 -13.84 43.52
N ASN A 1349 18.52 -14.04 44.17
CA ASN A 1349 17.66 -12.98 44.69
C ASN A 1349 17.30 -11.97 43.60
N LEU A 1350 16.95 -12.50 42.43
CA LEU A 1350 16.72 -11.68 41.24
C LEU A 1350 15.45 -10.85 41.42
N SER A 1351 15.59 -9.54 41.40
CA SER A 1351 14.47 -8.63 41.56
C SER A 1351 14.23 -7.97 40.21
N VAL A 1352 13.27 -8.51 39.47
CA VAL A 1352 13.02 -8.09 38.10
C VAL A 1352 11.84 -7.14 38.08
N ARG A 1353 11.90 -6.17 37.18
CA ARG A 1353 10.75 -5.38 36.79
C ARG A 1353 10.38 -5.74 35.35
N TYR A 1354 9.14 -5.44 34.98
CA TYR A 1354 8.70 -5.75 33.63
C TYR A 1354 9.34 -4.80 32.62
N ASP A 1355 9.02 -3.53 32.71
CA ASP A 1355 9.56 -2.51 31.82
C ASP A 1355 10.41 -1.51 32.60
N SER A 1356 10.64 -1.78 33.90
CA SER A 1356 11.11 -0.80 34.89
C SER A 1356 10.22 0.44 34.89
N SER A 1357 8.92 0.22 34.67
CA SER A 1357 7.97 1.31 34.44
C SER A 1357 6.83 1.31 35.44
N LEU A 1358 6.09 0.21 35.58
CA LEU A 1358 4.84 0.25 36.34
C LEU A 1358 4.84 -0.67 37.56
N LYS A 1359 5.25 -1.92 37.43
CA LYS A 1359 5.15 -2.84 38.55
C LYS A 1359 6.17 -3.97 38.36
N PRO A 1360 6.75 -4.47 39.45
CA PRO A 1360 7.71 -5.57 39.31
C PRO A 1360 7.01 -6.88 39.00
N VAL A 1361 7.79 -7.84 38.53
CA VAL A 1361 7.28 -9.19 38.38
C VAL A 1361 7.54 -10.04 39.61
N LEU A 1362 8.65 -9.81 40.31
CA LEU A 1362 9.04 -10.62 41.45
C LEU A 1362 9.34 -9.72 42.65
N LYS A 1363 9.80 -10.36 43.73
CA LYS A 1363 10.31 -9.62 44.88
C LYS A 1363 11.39 -10.49 45.54
N HIS A 1364 12.64 -10.29 45.09
CA HIS A 1364 13.85 -10.86 45.68
C HIS A 1364 13.82 -12.39 45.74
N VAL A 1365 13.50 -13.00 44.60
CA VAL A 1365 13.33 -14.45 44.55
C VAL A 1365 14.71 -15.09 44.59
N ASN A 1366 15.09 -15.58 45.77
CA ASN A 1366 16.39 -16.23 45.96
C ASN A 1366 16.25 -17.74 45.71
N THR A 1367 15.96 -18.08 44.46
CA THR A 1367 15.71 -19.47 44.11
C THR A 1367 16.93 -20.10 43.46
N LEU A 1368 16.78 -21.35 43.03
CA LEU A 1368 17.84 -22.10 42.38
C LEU A 1368 17.20 -23.16 41.49
N ILE A 1369 18.04 -24.09 41.01
CA ILE A 1369 17.58 -25.22 40.21
C ILE A 1369 18.55 -26.37 40.40
N SER A 1370 18.08 -27.57 40.09
CA SER A 1370 18.88 -28.78 40.13
C SER A 1370 18.85 -29.49 38.79
N PRO A 1371 19.93 -30.19 38.42
CA PRO A 1371 19.96 -30.89 37.13
C PRO A 1371 19.01 -32.07 37.09
N GLY A 1372 17.96 -31.94 36.27
CA GLY A 1372 16.87 -32.89 36.26
C GLY A 1372 15.63 -32.41 36.95
N GLN A 1373 15.73 -31.36 37.76
CA GLN A 1373 14.58 -30.81 38.49
C GLN A 1373 13.71 -30.06 37.49
N LYS A 1374 12.87 -30.81 36.80
CA LYS A 1374 11.91 -30.24 35.86
C LYS A 1374 10.84 -29.51 36.65
N ILE A 1375 11.02 -28.21 36.81
CA ILE A 1375 10.12 -27.42 37.65
C ILE A 1375 8.82 -27.17 36.91
N GLY A 1376 7.73 -27.70 37.45
CA GLY A 1376 6.43 -27.36 36.92
C GLY A 1376 6.07 -25.95 37.33
N ILE A 1377 6.06 -25.04 36.36
CA ILE A 1377 5.89 -23.63 36.67
C ILE A 1377 4.43 -23.36 36.98
N CYS A 1378 4.19 -22.69 38.11
CA CYS A 1378 2.84 -22.32 38.52
C CYS A 1378 2.90 -20.89 39.05
N GLY A 1379 2.32 -19.96 38.29
CA GLY A 1379 2.39 -18.57 38.64
C GLY A 1379 1.01 -17.95 38.76
N ARG A 1380 0.95 -16.63 38.75
CA ARG A 1380 -0.34 -15.95 38.84
C ARG A 1380 -1.11 -16.09 37.53
N THR A 1381 -2.44 -16.12 37.64
CA THR A 1381 -3.29 -16.19 36.47
C THR A 1381 -3.26 -14.90 35.66
N GLY A 1382 -2.85 -13.78 36.26
CA GLY A 1382 -2.70 -12.57 35.49
C GLY A 1382 -1.56 -11.65 35.90
N SER A 1383 -0.50 -12.16 36.55
CA SER A 1383 0.57 -11.28 36.97
C SER A 1383 1.98 -11.76 36.70
N GLY A 1384 2.22 -13.06 36.58
CA GLY A 1384 3.61 -13.50 36.44
C GLY A 1384 3.87 -14.73 35.59
N LYS A 1385 3.00 -15.00 34.62
CA LYS A 1385 3.04 -16.27 33.92
C LYS A 1385 4.24 -16.37 32.99
N SER A 1386 4.30 -15.51 31.98
CA SER A 1386 5.40 -15.55 31.02
C SER A 1386 6.63 -14.82 31.50
N SER A 1387 6.56 -14.18 32.66
CA SER A 1387 7.55 -13.24 33.12
C SER A 1387 8.78 -13.89 33.72
N PHE A 1388 9.01 -15.18 33.49
CA PHE A 1388 10.19 -15.83 34.03
C PHE A 1388 10.88 -16.71 33.00
N SER A 1389 10.56 -16.58 31.73
CA SER A 1389 11.22 -17.34 30.68
C SER A 1389 12.06 -16.45 29.79
N LEU A 1390 11.46 -15.43 29.17
CA LEU A 1390 12.25 -14.44 28.47
C LEU A 1390 13.07 -13.60 29.45
N ALA A 1391 12.53 -13.40 30.64
CA ALA A 1391 13.32 -12.89 31.76
C ALA A 1391 14.46 -13.83 32.09
N PHE A 1392 14.25 -15.14 31.97
CA PHE A 1392 15.37 -16.06 32.16
C PHE A 1392 16.31 -16.05 30.96
N PHE A 1393 15.85 -15.52 29.82
CA PHE A 1393 16.75 -15.19 28.72
C PHE A 1393 17.25 -13.75 28.81
N ARG A 1394 17.09 -13.13 29.98
CA ARG A 1394 17.58 -11.79 30.32
C ARG A 1394 16.98 -10.71 29.42
N MET A 1395 15.80 -10.97 28.86
CA MET A 1395 15.16 -10.05 27.93
C MET A 1395 14.18 -9.12 28.63
N VAL A 1396 14.44 -8.77 29.89
CA VAL A 1396 13.57 -7.85 30.61
C VAL A 1396 14.40 -6.99 31.55
N ASP A 1397 13.75 -6.04 32.21
CA ASP A 1397 14.41 -5.12 33.13
C ASP A 1397 14.57 -5.78 34.50
N MET A 1398 15.62 -6.60 34.63
CA MET A 1398 15.94 -7.18 35.92
C MET A 1398 16.49 -6.08 36.82
N PHE A 1399 15.62 -5.47 37.62
CA PHE A 1399 15.97 -4.26 38.34
C PHE A 1399 16.99 -4.52 39.44
N GLU A 1400 17.06 -5.74 39.96
CA GLU A 1400 18.14 -6.11 40.87
C GLU A 1400 18.32 -7.63 40.82
N GLY A 1401 19.41 -8.09 41.40
CA GLY A 1401 19.66 -9.51 41.53
C GLY A 1401 20.19 -10.15 40.27
N ARG A 1402 21.18 -11.02 40.42
CA ARG A 1402 21.76 -11.71 39.28
C ARG A 1402 21.03 -13.04 39.04
N ILE A 1403 21.49 -13.77 38.03
CA ILE A 1403 20.97 -15.08 37.70
C ILE A 1403 22.15 -15.95 37.30
N ILE A 1404 22.55 -16.86 38.18
CA ILE A 1404 23.70 -17.72 37.92
C ILE A 1404 23.30 -18.83 36.97
N ILE A 1405 24.05 -18.98 35.88
CA ILE A 1405 23.80 -20.01 34.89
C ILE A 1405 25.11 -20.74 34.65
N ASP A 1406 25.09 -22.07 34.82
CA ASP A 1406 26.28 -22.91 34.95
C ASP A 1406 27.23 -22.37 36.02
N GLY A 1407 26.65 -21.87 37.11
CA GLY A 1407 27.43 -21.35 38.21
C GLY A 1407 27.61 -19.86 38.15
N ILE A 1408 27.88 -19.34 36.96
CA ILE A 1408 28.24 -17.94 36.79
C ILE A 1408 27.00 -17.13 36.44
N ASP A 1409 26.96 -15.90 36.94
CA ASP A 1409 25.85 -14.99 36.67
C ASP A 1409 25.80 -14.64 35.19
N ILE A 1410 24.59 -14.37 34.71
CA ILE A 1410 24.36 -14.17 33.28
C ILE A 1410 24.43 -12.70 32.90
N ALA A 1411 25.03 -11.88 33.77
CA ALA A 1411 24.96 -10.43 33.59
C ALA A 1411 25.84 -9.97 32.42
N LYS A 1412 27.14 -10.19 32.52
CA LYS A 1412 28.06 -9.80 31.45
C LYS A 1412 28.45 -11.07 30.70
N LEU A 1413 27.65 -11.41 29.68
CA LEU A 1413 27.82 -12.63 28.93
C LEU A 1413 27.21 -12.43 27.55
N PRO A 1414 27.69 -13.15 26.53
CA PRO A 1414 27.12 -12.96 25.19
C PRO A 1414 25.74 -13.58 25.06
N LEU A 1415 24.73 -12.70 24.99
CA LEU A 1415 23.34 -13.14 24.81
C LEU A 1415 23.12 -13.80 23.46
N HIS A 1416 23.90 -13.40 22.46
CA HIS A 1416 23.89 -14.11 21.19
C HIS A 1416 24.42 -15.54 21.34
N THR A 1417 25.38 -15.74 22.23
CA THR A 1417 25.88 -17.09 22.47
C THR A 1417 25.05 -17.85 23.50
N LEU A 1418 24.60 -17.17 24.54
CA LEU A 1418 23.83 -17.85 25.58
C LEU A 1418 22.44 -18.24 25.09
N ARG A 1419 21.68 -17.27 24.57
CA ARG A 1419 20.30 -17.52 24.17
C ARG A 1419 20.16 -18.28 22.86
N SER A 1420 21.26 -18.70 22.24
CA SER A 1420 21.18 -19.61 21.11
C SER A 1420 21.53 -21.04 21.47
N ARG A 1421 22.32 -21.23 22.53
CA ARG A 1421 22.66 -22.56 23.01
C ARG A 1421 21.78 -22.99 24.18
N LEU A 1422 20.51 -22.57 24.18
CA LEU A 1422 19.57 -22.89 25.23
C LEU A 1422 18.21 -23.18 24.60
N SER A 1423 17.65 -24.34 24.91
CA SER A 1423 16.42 -24.78 24.27
C SER A 1423 15.20 -24.18 24.95
N ILE A 1424 14.28 -23.64 24.13
CA ILE A 1424 12.99 -23.18 24.62
C ILE A 1424 11.93 -23.42 23.56
N ILE A 1425 11.02 -24.35 23.80
CA ILE A 1425 9.95 -24.64 22.86
C ILE A 1425 8.74 -23.83 23.33
N LEU A 1426 8.63 -22.60 22.81
CA LEU A 1426 7.61 -21.68 23.28
C LEU A 1426 6.24 -22.07 22.73
N GLN A 1427 5.24 -21.25 23.05
CA GLN A 1427 3.86 -21.58 22.75
C GLN A 1427 3.30 -20.74 21.60
N ASP A 1428 4.16 -20.36 20.67
CA ASP A 1428 3.74 -19.75 19.44
C ASP A 1428 4.16 -20.61 18.27
N PRO A 1429 3.34 -20.75 17.24
CA PRO A 1429 3.71 -21.64 16.13
C PRO A 1429 4.82 -21.03 15.29
N VAL A 1430 6.03 -21.53 15.48
CA VAL A 1430 7.23 -20.94 14.88
C VAL A 1430 7.56 -21.77 13.65
N LEU A 1431 7.23 -21.25 12.47
CA LEU A 1431 7.46 -21.95 11.22
C LEU A 1431 8.07 -20.97 10.22
N PHE A 1432 9.39 -20.90 10.23
CA PHE A 1432 10.11 -20.09 9.25
C PHE A 1432 9.96 -20.71 7.87
N SER A 1433 9.31 -19.99 6.96
CA SER A 1433 9.11 -20.46 5.60
C SER A 1433 10.43 -20.56 4.87
N GLY A 1434 10.47 -21.46 3.89
CA GLY A 1434 11.68 -21.55 3.09
C GLY A 1434 12.01 -22.96 2.66
N THR A 1435 13.21 -23.40 3.01
CA THR A 1435 13.61 -24.78 2.79
C THR A 1435 13.43 -25.57 4.08
N ILE A 1436 13.27 -26.88 3.92
CA ILE A 1436 13.01 -27.74 5.07
C ILE A 1436 14.25 -27.83 5.95
N ARG A 1437 15.42 -28.01 5.34
CA ARG A 1437 16.66 -27.93 6.11
C ARG A 1437 16.89 -26.53 6.67
N PHE A 1438 16.47 -25.50 5.93
CA PHE A 1438 16.51 -24.14 6.45
C PHE A 1438 15.49 -23.90 7.56
N ASN A 1439 14.36 -24.57 7.52
CA ASN A 1439 13.47 -24.50 8.68
C ASN A 1439 14.03 -25.31 9.84
N LEU A 1440 14.68 -26.43 9.55
CA LEU A 1440 15.22 -27.30 10.58
C LEU A 1440 16.53 -26.75 11.14
N ASP A 1441 17.55 -26.63 10.30
CA ASP A 1441 18.89 -26.25 10.76
C ASP A 1441 19.48 -25.17 9.86
N PRO A 1442 19.12 -23.91 10.07
CA PRO A 1442 19.78 -22.80 9.38
C PRO A 1442 20.99 -22.30 10.14
N GLU A 1443 21.85 -23.22 10.58
CA GLU A 1443 22.93 -22.85 11.46
C GLU A 1443 24.26 -23.38 10.95
N LYS A 1444 25.31 -23.20 11.75
CA LYS A 1444 26.65 -23.57 11.31
C LYS A 1444 26.81 -25.08 11.22
N LYS A 1445 26.64 -25.78 12.35
CA LYS A 1445 26.87 -27.22 12.39
C LYS A 1445 25.59 -27.97 12.07
N CYS A 1446 25.04 -27.65 10.90
CA CYS A 1446 23.81 -28.29 10.45
C CYS A 1446 24.12 -29.73 10.04
N SER A 1447 23.22 -30.64 10.41
CA SER A 1447 23.35 -32.04 10.05
C SER A 1447 22.11 -32.51 9.29
N ASP A 1448 22.19 -33.74 8.80
CA ASP A 1448 21.05 -34.41 8.18
C ASP A 1448 20.80 -35.79 8.74
N SER A 1449 21.79 -36.45 9.34
CA SER A 1449 21.54 -37.69 10.04
C SER A 1449 20.85 -37.44 11.38
N THR A 1450 21.42 -36.54 12.19
CA THR A 1450 20.77 -36.15 13.44
C THR A 1450 19.49 -35.35 13.19
N LEU A 1451 19.43 -34.63 12.07
CA LEU A 1451 18.19 -33.95 11.71
C LEU A 1451 17.09 -34.93 11.37
N TRP A 1452 17.44 -36.07 10.80
CA TRP A 1452 16.49 -37.12 10.50
C TRP A 1452 16.33 -38.08 11.68
N GLU A 1453 17.05 -37.85 12.77
CA GLU A 1453 16.97 -38.73 13.93
C GLU A 1453 15.97 -38.23 14.96
N ALA A 1454 16.16 -37.02 15.47
CA ALA A 1454 15.28 -36.52 16.53
C ALA A 1454 13.92 -36.12 15.99
N LEU A 1455 13.84 -35.77 14.71
CA LEU A 1455 12.54 -35.46 14.11
C LEU A 1455 11.76 -36.72 13.80
N GLU A 1456 12.45 -37.84 13.60
CA GLU A 1456 11.78 -39.12 13.63
C GLU A 1456 11.42 -39.52 15.06
N ILE A 1457 12.25 -39.13 16.03
CA ILE A 1457 11.84 -39.22 17.42
C ILE A 1457 10.74 -38.22 17.72
N ALA A 1458 10.70 -37.11 16.99
CA ALA A 1458 9.56 -36.19 17.08
C ALA A 1458 8.40 -36.62 16.18
N GLN A 1459 8.56 -37.74 15.47
CA GLN A 1459 7.53 -38.34 14.61
C GLN A 1459 7.11 -37.37 13.51
N LEU A 1460 8.08 -36.70 12.94
CA LEU A 1460 7.86 -35.80 11.81
C LEU A 1460 8.74 -36.14 10.62
N LYS A 1461 9.99 -36.57 10.85
CA LYS A 1461 10.84 -37.00 9.75
C LYS A 1461 10.42 -38.34 9.18
N LEU A 1462 9.54 -39.06 9.86
CA LEU A 1462 8.88 -40.24 9.33
C LEU A 1462 7.47 -39.96 8.86
N VAL A 1463 6.80 -38.97 9.45
CA VAL A 1463 5.52 -38.50 8.94
C VAL A 1463 5.71 -37.75 7.63
N VAL A 1464 6.74 -36.90 7.56
CA VAL A 1464 7.05 -36.18 6.33
C VAL A 1464 8.21 -36.84 5.61
N LYS A 1465 8.39 -38.15 5.83
CA LYS A 1465 9.42 -38.92 5.13
C LYS A 1465 9.21 -38.95 3.63
N ALA A 1466 7.98 -38.75 3.16
CA ALA A 1466 7.71 -38.54 1.74
C ALA A 1466 7.75 -37.05 1.42
N LEU A 1467 8.91 -36.46 1.70
CA LEU A 1467 9.15 -35.05 1.45
C LEU A 1467 9.46 -34.84 -0.04
N PRO A 1468 9.12 -33.67 -0.58
CA PRO A 1468 9.43 -33.43 -2.00
C PRO A 1468 10.92 -33.31 -2.28
N GLY A 1469 11.72 -32.87 -1.31
CA GLY A 1469 13.14 -32.78 -1.50
C GLY A 1469 13.93 -33.43 -0.38
N GLY A 1470 13.22 -34.17 0.47
CA GLY A 1470 13.88 -34.95 1.51
C GLY A 1470 14.44 -34.09 2.62
N LEU A 1471 15.72 -34.31 2.92
CA LEU A 1471 16.43 -33.58 3.96
C LEU A 1471 16.85 -32.18 3.54
N ASP A 1472 16.55 -31.78 2.31
CA ASP A 1472 16.70 -30.41 1.87
C ASP A 1472 15.47 -29.97 1.11
N ALA A 1473 14.29 -30.36 1.59
CA ALA A 1473 13.04 -30.04 0.92
C ALA A 1473 12.71 -28.56 1.09
N ILE A 1474 11.62 -28.12 0.49
CA ILE A 1474 11.17 -26.74 0.59
C ILE A 1474 10.12 -26.66 1.68
N ILE A 1475 10.37 -25.83 2.69
CA ILE A 1475 9.39 -25.61 3.76
C ILE A 1475 8.50 -24.48 3.26
N THR A 1476 7.50 -24.85 2.48
CA THR A 1476 6.66 -23.86 1.83
C THR A 1476 5.65 -23.29 2.80
N GLU A 1477 5.33 -22.01 2.60
CA GLU A 1477 4.23 -21.25 3.20
C GLU A 1477 4.35 -21.02 4.70
N GLY A 1478 5.43 -21.50 5.33
CA GLY A 1478 5.63 -21.31 6.76
C GLY A 1478 4.63 -22.05 7.61
N GLY A 1479 4.49 -23.35 7.38
CA GLY A 1479 3.62 -24.17 8.18
C GLY A 1479 2.15 -24.06 7.84
N GLU A 1480 1.82 -24.10 6.55
CA GLU A 1480 0.44 -24.19 6.13
C GLU A 1480 0.08 -25.57 5.57
N ASN A 1481 1.07 -26.37 5.22
CA ASN A 1481 0.83 -27.73 4.76
C ASN A 1481 1.08 -28.77 5.83
N PHE A 1482 1.92 -28.47 6.81
CA PHE A 1482 2.19 -29.40 7.89
C PHE A 1482 1.15 -29.23 8.99
N SER A 1483 1.28 -30.03 10.05
CA SER A 1483 0.31 -30.00 11.13
C SER A 1483 0.59 -28.83 12.06
N GLN A 1484 -0.35 -28.59 12.97
CA GLN A 1484 -0.09 -27.68 14.06
C GLN A 1484 0.77 -28.31 15.14
N GLY A 1485 0.85 -29.64 15.17
CA GLY A 1485 1.54 -30.32 16.25
C GLY A 1485 2.97 -30.65 15.89
N GLN A 1486 3.19 -31.20 14.70
CA GLN A 1486 4.56 -31.44 14.25
C GLN A 1486 5.28 -30.13 13.95
N ARG A 1487 4.54 -29.05 13.75
CA ARG A 1487 5.09 -27.69 13.74
C ARG A 1487 5.96 -27.43 14.97
N GLN A 1488 5.45 -27.80 16.13
CA GLN A 1488 6.26 -27.65 17.33
C GLN A 1488 7.20 -28.82 17.55
N LEU A 1489 6.89 -30.00 17.01
CA LEU A 1489 7.81 -31.13 17.16
C LEU A 1489 9.09 -30.92 16.38
N PHE A 1490 9.03 -30.20 15.26
CA PHE A 1490 10.24 -29.78 14.57
C PHE A 1490 11.01 -28.76 15.39
N CYS A 1491 10.32 -27.88 16.11
CA CYS A 1491 11.02 -26.98 17.01
C CYS A 1491 11.60 -27.74 18.19
N LEU A 1492 11.01 -28.86 18.56
CA LEU A 1492 11.59 -29.75 19.55
C LEU A 1492 12.84 -30.45 19.03
N ALA A 1493 12.87 -30.78 17.74
CA ALA A 1493 14.10 -31.28 17.14
C ALA A 1493 15.17 -30.21 17.04
N ARG A 1494 14.77 -28.97 16.81
CA ARG A 1494 15.68 -27.85 16.93
C ARG A 1494 16.17 -27.68 18.37
N ALA A 1495 15.30 -27.95 19.34
CA ALA A 1495 15.73 -27.95 20.73
C ALA A 1495 16.68 -29.10 21.04
N PHE A 1496 16.53 -30.22 20.34
CA PHE A 1496 17.53 -31.26 20.41
C PHE A 1496 18.84 -30.77 19.81
N VAL A 1497 18.77 -29.93 18.78
CA VAL A 1497 19.96 -29.57 18.04
C VAL A 1497 20.84 -28.61 18.83
N ARG A 1498 20.29 -27.95 19.83
CA ARG A 1498 21.09 -27.04 20.66
C ARG A 1498 22.05 -27.79 21.57
N LYS A 1499 21.79 -29.07 21.83
CA LYS A 1499 22.61 -29.97 22.66
C LYS A 1499 22.73 -29.52 24.11
N THR A 1500 21.88 -28.59 24.56
CA THR A 1500 21.70 -28.25 25.97
C THR A 1500 20.20 -28.29 26.21
N SER A 1501 19.67 -29.47 26.49
CA SER A 1501 18.22 -29.70 26.39
C SER A 1501 17.49 -29.38 27.69
N ILE A 1502 17.76 -28.19 28.24
CA ILE A 1502 16.93 -27.65 29.31
C ILE A 1502 15.82 -26.88 28.60
N PHE A 1503 14.83 -27.62 28.14
CA PHE A 1503 13.82 -27.09 27.24
C PHE A 1503 12.83 -26.29 28.05
N ILE A 1504 12.99 -24.98 28.05
CA ILE A 1504 12.05 -24.12 28.76
C ILE A 1504 10.82 -23.97 27.89
N MET A 1505 9.85 -24.87 28.07
CA MET A 1505 8.63 -24.81 27.28
C MET A 1505 7.70 -23.74 27.84
N ASP A 1506 6.70 -23.40 27.06
CA ASP A 1506 5.73 -22.39 27.44
C ASP A 1506 4.35 -23.01 27.55
N GLU A 1507 3.36 -22.17 27.81
CA GLU A 1507 1.99 -22.62 28.03
C GLU A 1507 1.34 -22.88 26.69
N ALA A 1508 1.48 -24.12 26.19
CA ALA A 1508 0.91 -24.50 24.90
C ALA A 1508 -0.59 -24.67 25.00
N THR A 1509 -1.31 -23.55 25.17
CA THR A 1509 -2.73 -23.57 25.42
C THR A 1509 -3.53 -23.92 24.16
N ALA A 1510 -2.93 -23.79 22.99
CA ALA A 1510 -3.56 -24.23 21.75
C ALA A 1510 -2.81 -25.47 21.28
N SER A 1511 -3.21 -26.61 21.84
CA SER A 1511 -2.76 -27.91 21.36
C SER A 1511 -3.99 -28.67 20.89
N ILE A 1512 -3.95 -29.14 19.65
CA ILE A 1512 -5.12 -29.75 19.03
C ILE A 1512 -5.32 -31.17 19.55
N ASP A 1513 -4.29 -31.98 19.46
CA ASP A 1513 -4.32 -33.35 19.95
C ASP A 1513 -3.65 -33.38 21.30
N MET A 1514 -4.43 -33.73 22.33
CA MET A 1514 -3.84 -34.01 23.63
C MET A 1514 -2.93 -35.23 23.57
N ALA A 1515 -3.19 -36.15 22.64
CA ALA A 1515 -2.25 -37.23 22.38
C ALA A 1515 -0.93 -36.72 21.83
N THR A 1516 -0.96 -35.65 21.03
CA THR A 1516 0.28 -35.00 20.62
C THR A 1516 0.97 -34.32 21.79
N GLU A 1517 0.22 -33.71 22.70
CA GLU A 1517 0.82 -33.20 23.92
C GLU A 1517 1.30 -34.32 24.85
N ASN A 1518 0.72 -35.50 24.75
CA ASN A 1518 1.25 -36.67 25.43
C ASN A 1518 2.49 -37.23 24.75
N ILE A 1519 2.59 -37.10 23.44
CA ILE A 1519 3.84 -37.38 22.74
C ILE A 1519 4.89 -36.35 23.13
N LEU A 1520 4.48 -35.12 23.38
CA LEU A 1520 5.38 -34.11 23.95
C LEU A 1520 5.76 -34.44 25.38
N GLN A 1521 4.86 -35.04 26.14
CA GLN A 1521 5.23 -35.58 27.44
C GLN A 1521 6.14 -36.79 27.33
N LYS A 1522 6.01 -37.60 26.29
CA LYS A 1522 6.98 -38.66 26.02
C LYS A 1522 8.32 -38.11 25.57
N VAL A 1523 8.32 -36.95 24.89
CA VAL A 1523 9.54 -36.23 24.60
C VAL A 1523 10.12 -35.59 25.86
N VAL A 1524 9.25 -35.24 26.80
CA VAL A 1524 9.75 -34.84 28.11
C VAL A 1524 10.32 -36.04 28.84
N MET A 1525 9.74 -37.22 28.61
CA MET A 1525 10.26 -38.44 29.19
C MET A 1525 11.51 -38.92 28.46
N THR A 1526 11.37 -39.27 27.19
CA THR A 1526 12.49 -39.87 26.48
C THR A 1526 13.46 -38.83 25.92
N ALA A 1527 12.94 -37.80 25.25
CA ALA A 1527 13.83 -36.92 24.52
C ALA A 1527 14.45 -35.84 25.40
N PHE A 1528 13.72 -35.35 26.40
CA PHE A 1528 14.32 -34.45 27.39
C PHE A 1528 15.26 -35.26 28.27
N ALA A 1529 16.54 -34.93 28.20
CA ALA A 1529 17.59 -35.75 28.82
C ALA A 1529 17.85 -35.31 30.25
N ASP A 1530 16.76 -35.24 31.03
CA ASP A 1530 16.77 -35.04 32.49
C ASP A 1530 17.46 -33.72 32.87
N ARG A 1531 16.82 -32.63 32.45
CA ARG A 1531 17.25 -31.31 32.89
C ARG A 1531 16.09 -30.53 33.50
N THR A 1532 16.32 -29.24 33.77
CA THR A 1532 15.34 -28.40 34.44
C THR A 1532 14.34 -27.88 33.40
N VAL A 1533 13.33 -28.69 33.13
CA VAL A 1533 12.24 -28.31 32.24
C VAL A 1533 11.33 -27.36 33.02
N VAL A 1534 11.28 -26.10 32.60
CA VAL A 1534 10.41 -25.12 33.24
C VAL A 1534 9.04 -25.25 32.62
N THR A 1535 8.20 -26.12 33.21
CA THR A 1535 6.92 -26.46 32.62
C THR A 1535 5.91 -25.34 32.86
N ILE A 1536 5.95 -24.36 31.97
CA ILE A 1536 4.93 -23.31 31.99
C ILE A 1536 3.64 -23.92 31.45
N ALA A 1537 2.57 -23.85 32.25
CA ALA A 1537 1.33 -24.54 31.92
C ALA A 1537 0.14 -23.65 32.24
N HIS A 1538 -0.59 -23.25 31.20
CA HIS A 1538 -1.88 -22.58 31.40
C HIS A 1538 -2.96 -23.57 31.77
N ARG A 1539 -2.81 -24.82 31.35
CA ARG A 1539 -3.57 -25.93 31.90
C ARG A 1539 -2.58 -26.79 32.67
N VAL A 1540 -2.83 -26.95 33.98
CA VAL A 1540 -1.85 -27.54 34.89
C VAL A 1540 -1.86 -29.06 34.83
N HIS A 1541 -2.60 -29.62 33.86
CA HIS A 1541 -2.52 -31.04 33.53
C HIS A 1541 -1.10 -31.50 33.30
N THR A 1542 -0.29 -30.66 32.65
CA THR A 1542 1.08 -31.05 32.37
C THR A 1542 1.95 -31.00 33.62
N ILE A 1543 1.38 -30.59 34.76
CA ILE A 1543 2.11 -30.63 36.02
C ILE A 1543 2.06 -32.02 36.61
N LEU A 1544 1.44 -32.98 35.91
CA LEU A 1544 1.38 -34.37 36.36
C LEU A 1544 2.73 -35.06 36.32
N SER A 1545 3.73 -34.49 35.65
CA SER A 1545 5.06 -35.06 35.53
C SER A 1545 6.09 -34.20 36.25
N ALA A 1546 5.73 -33.74 37.45
CA ALA A 1546 6.60 -32.83 38.20
C ALA A 1546 7.79 -33.59 38.78
N ASP A 1547 8.99 -33.03 38.57
CA ASP A 1547 10.19 -33.56 39.20
C ASP A 1547 10.55 -32.80 40.47
N LEU A 1548 10.73 -31.48 40.38
CA LEU A 1548 10.86 -30.65 41.57
C LEU A 1548 10.29 -29.27 41.21
N VAL A 1549 9.00 -29.09 41.49
CA VAL A 1549 8.30 -27.88 41.04
C VAL A 1549 8.51 -26.75 42.04
N MET A 1550 8.15 -25.54 41.62
CA MET A 1550 8.18 -24.35 42.48
C MET A 1550 6.92 -23.56 42.13
N VAL A 1551 5.85 -23.81 42.86
CA VAL A 1551 4.59 -23.15 42.56
C VAL A 1551 4.68 -21.74 43.12
N LEU A 1552 5.18 -20.83 42.32
CA LEU A 1552 5.50 -19.48 42.76
C LEU A 1552 4.48 -18.55 42.14
N LYS A 1553 3.45 -18.22 42.90
CA LYS A 1553 2.24 -17.66 42.33
C LYS A 1553 1.72 -16.52 43.21
N ARG A 1554 0.46 -16.15 42.95
CA ARG A 1554 -0.27 -15.05 43.60
C ARG A 1554 0.43 -13.72 43.34
N GLY A 1555 0.98 -13.56 42.15
CA GLY A 1555 1.78 -12.39 41.84
C GLY A 1555 3.07 -12.33 42.61
N ALA A 1556 3.57 -13.47 43.09
CA ALA A 1556 4.72 -13.49 43.97
C ALA A 1556 5.36 -14.87 43.87
N ILE A 1557 6.27 -15.15 44.79
CA ILE A 1557 6.91 -16.46 44.90
C ILE A 1557 6.21 -17.18 46.05
N LEU A 1558 5.19 -17.96 45.71
CA LEU A 1558 4.35 -18.58 46.73
C LEU A 1558 5.08 -19.69 47.46
N GLU A 1559 5.47 -20.75 46.74
CA GLU A 1559 6.04 -21.91 47.41
C GLU A 1559 6.86 -22.76 46.46
N PHE A 1560 7.96 -23.31 46.98
CA PHE A 1560 8.69 -24.33 46.24
C PHE A 1560 7.92 -25.63 46.35
N ASP A 1561 7.43 -26.12 45.22
CA ASP A 1561 6.44 -27.20 45.19
C ASP A 1561 7.11 -28.56 44.96
N LYS A 1562 7.88 -28.99 45.96
CA LYS A 1562 8.44 -30.34 45.85
C LYS A 1562 8.67 -30.96 47.20
N PRO A 1563 8.33 -32.25 47.39
CA PRO A 1563 7.53 -33.07 46.48
C PRO A 1563 6.08 -33.21 46.93
N GLU A 1564 5.28 -33.97 46.18
CA GLU A 1564 3.89 -34.33 46.52
C GLU A 1564 2.99 -33.10 46.69
N THR A 1565 3.35 -31.99 46.04
CA THR A 1565 2.65 -30.73 46.23
C THR A 1565 1.37 -30.74 45.40
N LEU A 1566 0.34 -31.37 45.95
CA LEU A 1566 -0.99 -31.37 45.36
C LEU A 1566 -1.86 -30.26 45.94
N LEU A 1567 -1.25 -29.12 46.27
CA LEU A 1567 -1.87 -28.08 47.08
C LEU A 1567 -2.86 -27.26 46.27
N SER A 1568 -3.25 -26.10 46.83
CA SER A 1568 -4.46 -25.36 46.49
C SER A 1568 -4.56 -24.91 45.04
N GLN A 1569 -3.48 -24.96 44.27
CA GLN A 1569 -3.58 -24.81 42.83
C GLN A 1569 -3.73 -26.16 42.15
N LYS A 1570 -2.85 -27.11 42.49
CA LYS A 1570 -2.96 -28.46 41.95
C LYS A 1570 -4.22 -29.16 42.45
N ASP A 1571 -4.69 -28.80 43.65
CA ASP A 1571 -6.02 -29.22 44.07
C ASP A 1571 -7.11 -28.57 43.22
N SER A 1572 -7.00 -27.26 42.98
CA SER A 1572 -7.95 -26.57 42.12
C SER A 1572 -7.59 -26.68 40.65
N VAL A 1573 -6.60 -27.51 40.30
CA VAL A 1573 -6.35 -27.80 38.90
C VAL A 1573 -7.52 -28.56 38.30
N PHE A 1574 -8.20 -29.38 39.10
CA PHE A 1574 -9.47 -29.95 38.66
C PHE A 1574 -10.55 -28.88 38.59
N ALA A 1575 -10.46 -27.86 39.43
CA ALA A 1575 -11.42 -26.77 39.42
C ALA A 1575 -11.09 -25.76 38.33
#